data_1DXQ
#
_entry.id   1DXQ
#
_cell.length_a   54.960
_cell.length_b   171.620
_cell.length_c   67.140
_cell.angle_alpha   90.00
_cell.angle_beta   112.30
_cell.angle_gamma   90.00
#
_symmetry.space_group_name_H-M   'P 1 21 1'
#
loop_
_entity.id
_entity.type
_entity.pdbx_description
1 polymer 'QUINONE REDUCTASE'
2 non-polymer 'FLAVIN-ADENINE DINUCLEOTIDE'
#
_entity_poly.entity_id   1
_entity_poly.type   'polypeptide(L)'
_entity_poly.pdbx_seq_one_letter_code
;AARRALIVLAHSEKTSFNYAMKEAAVEALKKRGWEVLESDLYAMNFNPIISRNDITGELKDSKNFQYPSESSLAYKEGRL
SPDIVAEHKKLEAADLVIFQFPLQWFGVPAILKGWFERVLVAGFAYTYAAMYDNGPFQNKKTLLSITTGGSGSMYSLQGV
HGDMNVILWPIQSGILRFCGFQVLEPQLVYSIGHTPPDARMQILEGWKKRLETVWEETPLYFAPSSLFDLNFQAGFLLMK
EVQEEQKKNKFGLSVGHHLGKSIPADNQIKARK
;
_entity_poly.pdbx_strand_id   A,B,C,D
#
loop_
_chem_comp.id
_chem_comp.type
_chem_comp.name
_chem_comp.formula
FAD non-polymer 'FLAVIN-ADENINE DINUCLEOTIDE' 'C27 H33 N9 O15 P2'
#
# COMPACT_ATOMS: atom_id res chain seq x y z
N ALA A 1 -44.75 -5.54 -19.56
CA ALA A 1 -43.67 -4.53 -19.88
C ALA A 1 -42.82 -4.19 -18.64
N ALA A 2 -43.46 -4.16 -17.48
CA ALA A 2 -42.82 -3.85 -16.20
C ALA A 2 -42.33 -5.10 -15.45
N ARG A 3 -41.20 -4.96 -14.75
CA ARG A 3 -40.63 -6.06 -14.00
C ARG A 3 -39.66 -5.67 -12.90
N ARG A 4 -38.39 -6.01 -13.08
CA ARG A 4 -37.35 -5.73 -12.09
C ARG A 4 -36.59 -4.44 -12.35
N ALA A 5 -36.30 -3.74 -11.27
CA ALA A 5 -35.56 -2.49 -11.33
C ALA A 5 -34.52 -2.46 -10.21
N LEU A 6 -33.34 -1.93 -10.52
CA LEU A 6 -32.28 -1.81 -9.54
C LEU A 6 -32.08 -0.34 -9.18
N ILE A 7 -32.00 -0.04 -7.89
CA ILE A 7 -31.78 1.32 -7.46
C ILE A 7 -30.49 1.39 -6.69
N VAL A 8 -29.52 2.11 -7.24
CA VAL A 8 -28.21 2.23 -6.58
C VAL A 8 -28.14 3.59 -5.91
N LEU A 9 -27.95 3.61 -4.62
CA LEU A 9 -27.88 4.85 -3.86
C LEU A 9 -26.48 5.11 -3.31
N ALA A 10 -26.01 6.34 -3.46
CA ALA A 10 -24.69 6.70 -2.98
C ALA A 10 -24.82 7.86 -2.02
N HIS A 11 -25.23 7.55 -0.80
CA HIS A 11 -25.38 8.57 0.21
C HIS A 11 -25.39 7.94 1.58
N SER A 12 -24.56 8.50 2.45
CA SER A 12 -24.38 8.02 3.82
C SER A 12 -25.52 8.26 4.78
N GLU A 13 -26.22 9.39 4.61
CA GLU A 13 -27.32 9.74 5.51
C GLU A 13 -28.71 9.34 5.09
N LYS A 14 -29.46 8.80 6.05
CA LYS A 14 -30.83 8.37 5.81
C LYS A 14 -31.74 9.57 5.95
N THR A 15 -31.17 10.69 6.37
CA THR A 15 -31.95 11.90 6.56
C THR A 15 -31.78 12.84 5.38
N SER A 16 -31.15 12.37 4.32
CA SER A 16 -30.95 13.23 3.17
C SER A 16 -32.09 13.18 2.18
N PHE A 17 -32.14 14.18 1.30
CA PHE A 17 -33.18 14.22 0.31
C PHE A 17 -32.89 13.08 -0.67
N ASN A 18 -31.62 12.75 -0.83
CA ASN A 18 -31.23 11.69 -1.73
C ASN A 18 -31.84 10.38 -1.26
N TYR A 19 -31.98 10.22 0.04
CA TYR A 19 -32.57 9.00 0.56
C TYR A 19 -34.06 9.05 0.33
N ALA A 20 -34.63 10.24 0.48
CA ALA A 20 -36.06 10.46 0.25
C ALA A 20 -36.32 10.02 -1.18
N MET A 21 -35.63 10.67 -2.10
CA MET A 21 -35.74 10.37 -3.52
C MET A 21 -35.63 8.87 -3.76
N LYS A 22 -34.94 8.18 -2.86
CA LYS A 22 -34.76 6.74 -2.98
C LYS A 22 -36.05 6.01 -2.64
N GLU A 23 -36.54 6.25 -1.44
CA GLU A 23 -37.76 5.60 -1.01
C GLU A 23 -38.90 5.91 -1.96
N ALA A 24 -39.00 7.17 -2.38
CA ALA A 24 -40.05 7.61 -3.29
C ALA A 24 -40.10 6.67 -4.49
N ALA A 25 -38.99 6.57 -5.21
CA ALA A 25 -38.90 5.69 -6.38
C ALA A 25 -39.33 4.26 -6.04
N VAL A 26 -38.75 3.69 -4.99
CA VAL A 26 -39.08 2.34 -4.54
C VAL A 26 -40.59 2.23 -4.35
N GLU A 27 -41.12 3.10 -3.52
CA GLU A 27 -42.55 3.12 -3.24
C GLU A 27 -43.33 3.17 -4.54
N ALA A 28 -42.94 4.08 -5.43
CA ALA A 28 -43.60 4.26 -6.72
C ALA A 28 -43.59 3.01 -7.58
N LEU A 29 -42.41 2.52 -7.92
CA LEU A 29 -42.27 1.31 -8.74
C LEU A 29 -43.08 0.15 -8.17
N LYS A 30 -43.01 -0.03 -6.85
CA LYS A 30 -43.75 -1.12 -6.23
C LYS A 30 -45.25 -1.03 -6.50
N LYS A 31 -45.84 0.16 -6.36
CA LYS A 31 -47.27 0.32 -6.61
C LYS A 31 -47.62 -0.12 -8.02
N ARG A 32 -46.73 0.18 -8.97
CA ARG A 32 -46.96 -0.18 -10.36
C ARG A 32 -46.57 -1.64 -10.59
N GLY A 33 -46.53 -2.41 -9.50
CA GLY A 33 -46.20 -3.83 -9.56
C GLY A 33 -44.78 -4.24 -9.94
N TRP A 34 -43.82 -3.32 -9.83
CA TRP A 34 -42.45 -3.67 -10.16
C TRP A 34 -41.84 -4.50 -9.04
N GLU A 35 -40.59 -4.92 -9.25
CA GLU A 35 -39.86 -5.67 -8.22
C GLU A 35 -38.55 -4.92 -8.05
N VAL A 36 -38.42 -4.23 -6.93
CA VAL A 36 -37.23 -3.42 -6.68
C VAL A 36 -36.09 -4.09 -5.90
N LEU A 37 -34.89 -3.94 -6.45
CA LEU A 37 -33.66 -4.45 -5.86
C LEU A 37 -32.84 -3.23 -5.47
N GLU A 38 -32.17 -3.28 -4.33
CA GLU A 38 -31.41 -2.12 -3.93
C GLU A 38 -29.96 -2.37 -3.56
N SER A 39 -29.11 -1.40 -3.86
CA SER A 39 -27.69 -1.48 -3.56
C SER A 39 -27.30 -0.19 -2.87
N ASP A 40 -27.73 -0.03 -1.63
CA ASP A 40 -27.36 1.16 -0.89
C ASP A 40 -25.89 0.95 -0.54
N LEU A 41 -25.02 1.49 -1.38
CA LEU A 41 -23.58 1.33 -1.23
C LEU A 41 -23.03 1.68 0.14
N TYR A 42 -23.37 2.85 0.66
CA TYR A 42 -22.87 3.25 1.97
C TYR A 42 -23.35 2.26 3.04
N ALA A 43 -24.62 1.87 2.95
CA ALA A 43 -25.20 0.93 3.89
C ALA A 43 -24.44 -0.40 3.80
N MET A 44 -24.46 -1.01 2.63
CA MET A 44 -23.75 -2.28 2.44
C MET A 44 -22.30 -2.16 2.83
N ASN A 45 -21.84 -0.94 3.06
CA ASN A 45 -20.44 -0.74 3.39
C ASN A 45 -19.65 -1.31 2.23
N PHE A 46 -20.19 -1.13 1.03
CA PHE A 46 -19.58 -1.61 -0.20
C PHE A 46 -18.15 -1.09 -0.35
N ASN A 47 -17.29 -1.96 -0.88
CA ASN A 47 -15.88 -1.64 -1.10
C ASN A 47 -15.68 -0.97 -2.46
N PRO A 48 -15.20 0.28 -2.46
CA PRO A 48 -14.97 1.07 -3.68
C PRO A 48 -13.66 0.83 -4.40
N ILE A 49 -12.59 0.58 -3.63
CA ILE A 49 -11.27 0.38 -4.23
C ILE A 49 -11.09 -0.95 -4.92
N ILE A 50 -10.41 -0.85 -6.05
CA ILE A 50 -10.14 -1.97 -6.92
C ILE A 50 -8.72 -2.48 -6.62
N SER A 51 -8.60 -3.80 -6.46
CA SER A 51 -7.32 -4.44 -6.14
C SER A 51 -7.35 -5.93 -6.48
N ARG A 52 -6.20 -6.57 -6.36
CA ARG A 52 -6.09 -8.01 -6.65
C ARG A 52 -6.84 -8.90 -5.65
N ASN A 53 -7.77 -8.30 -4.90
CA ASN A 53 -8.55 -9.06 -3.94
C ASN A 53 -9.90 -9.39 -4.56
N ASP A 54 -10.23 -8.70 -5.64
CA ASP A 54 -11.48 -8.92 -6.35
C ASP A 54 -11.44 -10.29 -7.01
N ILE A 55 -10.27 -10.92 -7.03
CA ILE A 55 -10.11 -12.23 -7.67
C ILE A 55 -9.85 -13.35 -6.68
N THR A 56 -10.39 -14.53 -7.00
CA THR A 56 -10.23 -15.73 -6.18
C THR A 56 -9.30 -16.73 -6.86
N GLY A 57 -8.59 -17.53 -6.07
CA GLY A 57 -7.70 -18.53 -6.63
C GLY A 57 -6.46 -18.00 -7.32
N GLU A 58 -5.78 -18.88 -8.06
CA GLU A 58 -4.55 -18.52 -8.76
C GLU A 58 -4.69 -17.32 -9.67
N LEU A 59 -3.85 -16.32 -9.41
CA LEU A 59 -3.85 -15.08 -10.16
C LEU A 59 -3.20 -15.16 -11.53
N LYS A 60 -3.10 -16.34 -12.12
CA LYS A 60 -2.48 -16.47 -13.44
C LYS A 60 -1.06 -15.91 -13.39
N ASP A 61 -0.93 -14.62 -13.67
CA ASP A 61 0.38 -13.95 -13.63
C ASP A 61 0.42 -12.87 -12.56
N SER A 62 0.70 -13.29 -11.32
CA SER A 62 0.77 -12.37 -10.20
C SER A 62 2.13 -11.68 -10.13
N LYS A 63 2.80 -11.62 -11.28
CA LYS A 63 4.11 -10.97 -11.35
C LYS A 63 3.91 -9.57 -11.89
N ASN A 64 3.55 -9.51 -13.18
CA ASN A 64 3.28 -8.26 -13.86
C ASN A 64 1.77 -8.09 -13.81
N PHE A 65 1.22 -8.05 -12.60
CA PHE A 65 -0.22 -7.92 -12.43
C PHE A 65 -0.87 -6.78 -13.22
N GLN A 66 -1.95 -7.13 -13.94
CA GLN A 66 -2.73 -6.19 -14.74
C GLN A 66 -4.19 -6.48 -14.48
N TYR A 67 -4.88 -5.52 -13.88
CA TYR A 67 -6.28 -5.70 -13.54
C TYR A 67 -7.27 -5.97 -14.66
N PRO A 68 -7.14 -5.28 -15.79
CA PRO A 68 -8.10 -5.54 -16.86
C PRO A 68 -8.17 -7.01 -17.26
N SER A 69 -7.01 -7.58 -17.55
CA SER A 69 -6.91 -8.97 -17.96
C SER A 69 -7.22 -9.96 -16.83
N GLU A 70 -6.56 -9.76 -15.70
CA GLU A 70 -6.76 -10.64 -14.56
C GLU A 70 -8.21 -10.77 -14.14
N SER A 71 -8.99 -9.71 -14.33
CA SER A 71 -10.40 -9.72 -13.91
C SER A 71 -11.38 -10.27 -14.92
N SER A 72 -11.24 -9.92 -16.19
CA SER A 72 -12.17 -10.44 -17.18
C SER A 72 -12.00 -11.96 -17.24
N LEU A 73 -10.79 -12.41 -16.91
CA LEU A 73 -10.48 -13.83 -16.92
C LEU A 73 -11.10 -14.46 -15.69
N ALA A 74 -10.98 -13.78 -14.57
CA ALA A 74 -11.54 -14.26 -13.31
C ALA A 74 -13.03 -14.36 -13.49
N TYR A 75 -13.57 -13.45 -14.28
CA TYR A 75 -15.00 -13.43 -14.53
C TYR A 75 -15.44 -14.72 -15.19
N LYS A 76 -14.88 -15.00 -16.37
CA LYS A 76 -15.21 -16.20 -17.15
C LYS A 76 -14.95 -17.43 -16.32
N GLU A 77 -13.92 -17.39 -15.49
CA GLU A 77 -13.59 -18.53 -14.66
C GLU A 77 -14.36 -18.54 -13.37
N GLY A 78 -15.33 -17.64 -13.28
CA GLY A 78 -16.18 -17.53 -12.12
C GLY A 78 -15.43 -17.38 -10.81
N ARG A 79 -14.23 -16.82 -10.88
CA ARG A 79 -13.39 -16.63 -9.70
C ARG A 79 -13.42 -15.17 -9.23
N LEU A 80 -14.58 -14.53 -9.31
CA LEU A 80 -14.67 -13.15 -8.88
C LEU A 80 -15.16 -13.02 -7.44
N SER A 81 -14.67 -12.01 -6.75
CA SER A 81 -15.05 -11.76 -5.36
C SER A 81 -16.57 -11.86 -5.23
N PRO A 82 -17.06 -12.49 -4.17
CA PRO A 82 -18.49 -12.67 -3.91
C PRO A 82 -19.34 -11.41 -3.84
N ASP A 83 -18.79 -10.34 -3.30
CA ASP A 83 -19.52 -9.08 -3.19
C ASP A 83 -19.72 -8.46 -4.56
N ILE A 84 -18.81 -8.77 -5.47
CA ILE A 84 -18.90 -8.25 -6.82
C ILE A 84 -19.92 -9.07 -7.60
N VAL A 85 -20.01 -10.35 -7.29
CA VAL A 85 -20.97 -11.21 -7.97
C VAL A 85 -22.35 -10.80 -7.53
N ALA A 86 -22.50 -10.61 -6.22
CA ALA A 86 -23.78 -10.20 -5.67
C ALA A 86 -24.41 -9.14 -6.55
N GLU A 87 -23.62 -8.14 -6.95
CA GLU A 87 -24.12 -7.08 -7.80
C GLU A 87 -24.50 -7.60 -9.18
N HIS A 88 -23.59 -8.34 -9.82
CA HIS A 88 -23.87 -8.89 -11.15
C HIS A 88 -25.23 -9.58 -11.19
N LYS A 89 -25.55 -10.34 -10.15
CA LYS A 89 -26.82 -11.03 -10.12
C LYS A 89 -27.95 -10.01 -10.16
N LYS A 90 -27.76 -8.88 -9.51
CA LYS A 90 -28.77 -7.83 -9.49
C LYS A 90 -28.89 -7.22 -10.87
N LEU A 91 -27.77 -6.77 -11.45
CA LEU A 91 -27.77 -6.18 -12.79
C LEU A 91 -28.41 -7.11 -13.82
N GLU A 92 -28.07 -8.39 -13.74
CA GLU A 92 -28.60 -9.39 -14.66
C GLU A 92 -30.14 -9.42 -14.60
N ALA A 93 -30.71 -9.19 -13.42
CA ALA A 93 -32.16 -9.21 -13.23
C ALA A 93 -32.87 -7.89 -13.52
N ALA A 94 -32.22 -6.77 -13.18
CA ALA A 94 -32.83 -5.47 -13.39
C ALA A 94 -33.09 -5.14 -14.85
N ASP A 95 -34.25 -4.56 -15.13
CA ASP A 95 -34.61 -4.15 -16.49
C ASP A 95 -34.34 -2.67 -16.56
N LEU A 96 -34.46 -2.02 -15.41
CA LEU A 96 -34.24 -0.60 -15.30
C LEU A 96 -33.32 -0.33 -14.12
N VAL A 97 -32.19 0.33 -14.39
CA VAL A 97 -31.24 0.65 -13.33
C VAL A 97 -31.26 2.15 -13.08
N ILE A 98 -31.51 2.51 -11.83
CA ILE A 98 -31.58 3.92 -11.45
C ILE A 98 -30.49 4.29 -10.47
N PHE A 99 -29.77 5.36 -10.78
CA PHE A 99 -28.69 5.82 -9.91
C PHE A 99 -29.06 7.11 -9.21
N GLN A 100 -29.17 7.06 -7.89
CA GLN A 100 -29.51 8.21 -7.06
C GLN A 100 -28.27 8.71 -6.33
N PHE A 101 -27.93 9.98 -6.52
CA PHE A 101 -26.76 10.52 -5.86
C PHE A 101 -26.60 12.04 -5.99
N PRO A 102 -25.89 12.65 -5.03
CA PRO A 102 -25.65 14.10 -5.03
C PRO A 102 -24.41 14.37 -5.89
N LEU A 103 -24.51 15.33 -6.80
CA LEU A 103 -23.38 15.67 -7.64
C LEU A 103 -22.23 16.04 -6.73
N GLN A 104 -21.07 15.44 -6.97
CA GLN A 104 -19.87 15.70 -6.17
C GLN A 104 -18.65 15.91 -7.07
N TRP A 105 -18.11 17.12 -7.03
CA TRP A 105 -16.95 17.49 -7.81
C TRP A 105 -17.17 17.21 -9.27
N PHE A 106 -18.28 17.75 -9.76
CA PHE A 106 -18.67 17.61 -11.16
C PHE A 106 -18.84 16.17 -11.60
N GLY A 107 -18.93 15.26 -10.64
CA GLY A 107 -19.09 13.87 -10.98
C GLY A 107 -19.86 13.03 -9.99
N VAL A 108 -19.66 11.73 -10.15
CA VAL A 108 -20.28 10.69 -9.33
C VAL A 108 -19.52 10.50 -8.01
N PRO A 109 -20.20 10.03 -6.95
CA PRO A 109 -19.52 9.83 -5.67
C PRO A 109 -18.41 8.76 -5.70
N ALA A 110 -17.32 9.01 -4.98
CA ALA A 110 -16.18 8.07 -4.94
C ALA A 110 -16.67 6.64 -4.83
N ILE A 111 -17.49 6.38 -3.82
CA ILE A 111 -18.03 5.04 -3.61
C ILE A 111 -18.78 4.50 -4.82
N LEU A 112 -19.48 5.38 -5.54
CA LEU A 112 -20.22 4.92 -6.71
C LEU A 112 -19.23 4.60 -7.81
N LYS A 113 -18.33 5.53 -8.09
CA LYS A 113 -17.31 5.33 -9.13
C LYS A 113 -16.74 3.94 -8.99
N GLY A 114 -16.32 3.63 -7.77
CA GLY A 114 -15.74 2.34 -7.44
C GLY A 114 -16.62 1.19 -7.86
N TRP A 115 -17.93 1.32 -7.66
CA TRP A 115 -18.87 0.28 -8.02
C TRP A 115 -18.76 0.06 -9.51
N PHE A 116 -18.62 1.14 -10.25
CA PHE A 116 -18.49 1.05 -11.69
C PHE A 116 -17.23 0.28 -12.02
N GLU A 117 -16.11 0.81 -11.52
CA GLU A 117 -14.77 0.25 -11.73
C GLU A 117 -14.62 -1.20 -11.32
N ARG A 118 -15.40 -1.63 -10.34
CA ARG A 118 -15.34 -3.00 -9.85
C ARG A 118 -16.41 -3.95 -10.40
N VAL A 119 -17.64 -3.46 -10.51
CA VAL A 119 -18.74 -4.27 -10.99
C VAL A 119 -18.76 -4.45 -12.50
N LEU A 120 -18.66 -3.35 -13.24
CA LEU A 120 -18.70 -3.42 -14.70
C LEU A 120 -17.44 -4.05 -15.28
N VAL A 121 -17.36 -5.38 -15.19
CA VAL A 121 -16.24 -6.17 -15.66
C VAL A 121 -16.26 -6.39 -17.16
N ALA A 122 -15.08 -6.39 -17.78
CA ALA A 122 -14.98 -6.62 -19.22
C ALA A 122 -15.38 -8.09 -19.47
N GLY A 123 -16.22 -8.32 -20.48
CA GLY A 123 -16.69 -9.67 -20.75
C GLY A 123 -18.11 -9.81 -20.28
N PHE A 124 -18.45 -9.06 -19.24
CA PHE A 124 -19.79 -9.05 -18.65
C PHE A 124 -20.48 -7.76 -19.06
N ALA A 125 -19.88 -6.66 -18.64
CA ALA A 125 -20.39 -5.33 -18.92
C ALA A 125 -20.12 -4.82 -20.32
N TYR A 126 -19.00 -5.22 -20.91
CA TYR A 126 -18.66 -4.72 -22.24
C TYR A 126 -17.56 -5.53 -22.88
N THR A 127 -17.33 -5.27 -24.17
CA THR A 127 -16.30 -5.93 -24.96
C THR A 127 -16.01 -5.07 -26.18
N TYR A 128 -14.74 -5.00 -26.59
CA TYR A 128 -14.41 -4.19 -27.74
C TYR A 128 -15.29 -4.55 -28.92
N ALA A 129 -15.77 -5.80 -28.93
CA ALA A 129 -16.64 -6.26 -29.99
C ALA A 129 -18.05 -5.75 -29.72
N ALA A 130 -18.45 -5.83 -28.46
CA ALA A 130 -19.76 -5.39 -28.00
C ALA A 130 -19.72 -4.06 -27.25
N MET A 131 -19.70 -2.97 -28.00
CA MET A 131 -19.67 -1.64 -27.41
C MET A 131 -20.91 -0.85 -27.78
N TYR A 132 -21.18 0.20 -27.01
CA TYR A 132 -22.32 1.05 -27.25
C TYR A 132 -23.58 0.31 -27.70
N ASP A 133 -24.22 0.69 -28.80
CA ASP A 133 -25.47 0.00 -29.17
C ASP A 133 -25.35 -1.49 -29.42
N ASN A 134 -24.17 -2.05 -29.16
CA ASN A 134 -23.95 -3.49 -29.30
C ASN A 134 -23.68 -4.03 -27.90
N GLY A 135 -23.57 -3.12 -26.94
CA GLY A 135 -23.32 -3.50 -25.56
C GLY A 135 -24.25 -4.57 -25.04
N PRO A 136 -23.80 -5.33 -24.04
CA PRO A 136 -24.58 -6.41 -23.42
C PRO A 136 -25.90 -5.94 -22.79
N PHE A 137 -25.90 -4.71 -22.30
CA PHE A 137 -27.06 -4.16 -21.62
C PHE A 137 -28.07 -3.40 -22.46
N GLN A 138 -27.95 -3.51 -23.77
CA GLN A 138 -28.86 -2.83 -24.70
C GLN A 138 -30.35 -3.04 -24.44
N ASN A 139 -30.69 -4.07 -23.68
CA ASN A 139 -32.09 -4.37 -23.35
C ASN A 139 -32.51 -3.72 -22.04
N LYS A 140 -31.54 -3.19 -21.29
CA LYS A 140 -31.82 -2.55 -20.03
C LYS A 140 -31.85 -1.03 -20.22
N LYS A 141 -32.56 -0.34 -19.35
CA LYS A 141 -32.67 1.11 -19.42
C LYS A 141 -32.13 1.71 -18.15
N THR A 142 -31.47 2.85 -18.25
CA THR A 142 -30.90 3.49 -17.07
C THR A 142 -31.05 5.01 -17.11
N LEU A 143 -31.04 5.62 -15.93
CA LEU A 143 -31.15 7.07 -15.82
C LEU A 143 -30.45 7.52 -14.55
N LEU A 144 -30.11 8.80 -14.51
CA LEU A 144 -29.42 9.36 -13.35
C LEU A 144 -30.29 10.38 -12.62
N SER A 145 -30.42 10.20 -11.30
CA SER A 145 -31.19 11.11 -10.45
C SER A 145 -30.12 11.82 -9.61
N ILE A 146 -29.88 13.08 -9.92
CA ILE A 146 -28.84 13.83 -9.24
C ILE A 146 -29.33 14.97 -8.37
N THR A 147 -28.55 15.27 -7.35
CA THR A 147 -28.87 16.34 -6.43
C THR A 147 -27.70 17.31 -6.45
N THR A 148 -27.96 18.56 -6.79
CA THR A 148 -26.90 19.55 -6.89
C THR A 148 -26.95 20.55 -5.77
N GLY A 149 -25.78 21.01 -5.33
CA GLY A 149 -25.73 22.00 -4.27
C GLY A 149 -25.93 23.38 -4.89
N GLY A 150 -25.27 23.60 -6.02
CA GLY A 150 -25.35 24.87 -6.71
C GLY A 150 -26.72 25.09 -7.35
N SER A 151 -26.92 26.23 -8.00
CA SER A 151 -28.20 26.54 -8.62
C SER A 151 -28.23 26.24 -10.12
N GLY A 152 -29.44 26.01 -10.62
CA GLY A 152 -29.61 25.68 -12.02
C GLY A 152 -28.88 26.61 -12.97
N SER A 153 -28.96 27.90 -12.68
CA SER A 153 -28.33 28.92 -13.52
C SER A 153 -26.82 28.70 -13.61
N MET A 154 -26.22 28.29 -12.49
CA MET A 154 -24.79 28.05 -12.46
C MET A 154 -24.33 27.07 -13.53
N TYR A 155 -25.24 26.21 -13.96
CA TYR A 155 -24.92 25.22 -14.98
C TYR A 155 -25.40 25.55 -16.39
N SER A 156 -26.12 26.66 -16.57
CA SER A 156 -26.60 27.06 -17.88
C SER A 156 -25.41 27.39 -18.75
N LEU A 157 -25.65 27.61 -20.05
CA LEU A 157 -24.56 27.95 -20.96
C LEU A 157 -23.79 29.20 -20.52
N GLN A 158 -24.48 30.17 -19.93
CA GLN A 158 -23.82 31.40 -19.46
C GLN A 158 -23.55 31.33 -17.96
N GLY A 159 -23.51 30.13 -17.40
CA GLY A 159 -23.26 30.00 -15.97
C GLY A 159 -21.78 29.82 -15.67
N VAL A 160 -21.43 30.01 -14.40
CA VAL A 160 -20.05 29.88 -13.98
C VAL A 160 -19.46 28.54 -14.36
N HIS A 161 -20.08 27.46 -13.88
CA HIS A 161 -19.62 26.10 -14.12
C HIS A 161 -19.70 25.58 -15.57
N GLY A 162 -20.59 26.15 -16.37
CA GLY A 162 -20.69 25.70 -17.75
C GLY A 162 -21.77 24.67 -18.04
N ASP A 163 -21.97 24.44 -19.33
CA ASP A 163 -22.97 23.50 -19.82
C ASP A 163 -23.05 22.21 -19.01
N MET A 164 -24.24 21.92 -18.47
CA MET A 164 -24.41 20.71 -17.68
C MET A 164 -24.27 19.47 -18.55
N ASN A 165 -24.65 19.58 -19.81
CA ASN A 165 -24.56 18.46 -20.73
C ASN A 165 -23.15 17.89 -20.80
N VAL A 166 -22.16 18.77 -20.81
CA VAL A 166 -20.77 18.35 -20.87
C VAL A 166 -20.42 17.43 -19.70
N ILE A 167 -20.86 17.86 -18.50
CA ILE A 167 -20.63 17.13 -17.25
C ILE A 167 -21.21 15.71 -17.29
N LEU A 168 -22.45 15.57 -17.75
CA LEU A 168 -23.11 14.26 -17.81
C LEU A 168 -22.51 13.33 -18.86
N TRP A 169 -22.11 13.90 -19.99
CA TRP A 169 -21.56 13.11 -21.09
C TRP A 169 -20.64 11.95 -20.70
N PRO A 170 -19.56 12.23 -19.96
CA PRO A 170 -18.64 11.17 -19.54
C PRO A 170 -19.32 10.02 -18.81
N ILE A 171 -20.37 10.35 -18.07
CA ILE A 171 -21.10 9.34 -17.32
C ILE A 171 -22.13 8.61 -18.18
N GLN A 172 -22.92 9.38 -18.92
CA GLN A 172 -23.99 8.77 -19.71
C GLN A 172 -23.56 8.08 -21.01
N SER A 173 -22.65 8.70 -21.73
CA SER A 173 -22.16 8.13 -22.97
C SER A 173 -20.93 7.24 -22.65
N GLY A 174 -20.06 7.74 -21.77
CA GLY A 174 -18.84 7.04 -21.40
C GLY A 174 -18.98 5.73 -20.66
N ILE A 175 -19.92 5.64 -19.72
CA ILE A 175 -20.06 4.40 -18.97
C ILE A 175 -21.31 3.61 -19.35
N LEU A 176 -22.46 4.29 -19.28
CA LEU A 176 -23.74 3.68 -19.58
C LEU A 176 -24.00 3.39 -21.06
N ARG A 177 -23.76 4.35 -21.93
CA ARG A 177 -23.99 4.07 -23.35
C ARG A 177 -23.01 3.01 -23.78
N PHE A 178 -21.78 3.17 -23.31
CA PHE A 178 -20.68 2.25 -23.61
C PHE A 178 -21.11 0.81 -23.43
N CYS A 179 -21.61 0.50 -22.24
CA CYS A 179 -22.04 -0.85 -21.90
C CYS A 179 -23.27 -1.31 -22.64
N GLY A 180 -23.96 -0.41 -23.30
CA GLY A 180 -25.15 -0.80 -24.03
C GLY A 180 -26.47 -0.20 -23.59
N PHE A 181 -26.53 0.27 -22.34
CA PHE A 181 -27.74 0.87 -21.78
C PHE A 181 -28.43 1.89 -22.65
N GLN A 182 -29.74 2.04 -22.41
CA GLN A 182 -30.56 3.02 -23.09
C GLN A 182 -30.61 4.10 -22.02
N VAL A 183 -29.97 5.24 -22.28
CA VAL A 183 -29.95 6.31 -21.28
C VAL A 183 -31.16 7.24 -21.35
N LEU A 184 -32.00 7.23 -20.32
CA LEU A 184 -33.20 8.05 -20.28
C LEU A 184 -32.85 9.42 -19.74
N GLU A 185 -33.78 10.36 -19.83
CA GLU A 185 -33.49 11.72 -19.33
C GLU A 185 -33.16 11.75 -17.85
N PRO A 186 -32.08 12.47 -17.49
CA PRO A 186 -31.65 12.57 -16.09
C PRO A 186 -32.58 13.40 -15.21
N GLN A 187 -32.81 12.92 -14.00
CA GLN A 187 -33.64 13.58 -13.01
C GLN A 187 -32.76 14.61 -12.27
N LEU A 188 -32.79 15.86 -12.71
CA LEU A 188 -31.96 16.89 -12.09
C LEU A 188 -32.66 17.78 -11.08
N VAL A 189 -32.16 17.76 -9.85
CA VAL A 189 -32.70 18.59 -8.76
C VAL A 189 -31.62 19.54 -8.31
N TYR A 190 -31.78 20.81 -8.64
CA TYR A 190 -30.77 21.80 -8.27
C TYR A 190 -31.01 22.43 -6.92
N SER A 191 -29.93 22.60 -6.18
CA SER A 191 -29.95 23.22 -4.86
C SER A 191 -31.19 22.93 -4.04
N ILE A 192 -31.18 21.83 -3.30
CA ILE A 192 -32.32 21.50 -2.46
C ILE A 192 -32.10 22.19 -1.13
N GLY A 193 -30.90 22.72 -0.94
CA GLY A 193 -30.59 23.41 0.30
C GLY A 193 -31.26 24.76 0.30
N HIS A 194 -31.73 25.15 -0.89
CA HIS A 194 -32.40 26.43 -1.08
C HIS A 194 -33.88 26.26 -1.31
N THR A 195 -34.27 25.16 -1.95
CA THR A 195 -35.68 24.93 -2.22
C THR A 195 -36.41 24.82 -0.90
N PRO A 196 -37.63 25.40 -0.81
CA PRO A 196 -38.44 25.36 0.42
C PRO A 196 -39.10 24.00 0.60
N PRO A 197 -39.67 23.76 1.79
CA PRO A 197 -40.36 22.52 2.14
C PRO A 197 -41.41 22.07 1.11
N ASP A 198 -42.21 23.01 0.61
CA ASP A 198 -43.22 22.71 -0.38
C ASP A 198 -42.58 22.02 -1.60
N ALA A 199 -41.89 22.83 -2.41
CA ALA A 199 -41.25 22.32 -3.62
C ALA A 199 -40.64 20.94 -3.43
N ARG A 200 -39.95 20.72 -2.31
CA ARG A 200 -39.32 19.43 -2.04
C ARG A 200 -40.34 18.31 -2.16
N MET A 201 -41.53 18.53 -1.62
CA MET A 201 -42.55 17.52 -1.70
C MET A 201 -43.00 17.39 -3.15
N GLN A 202 -43.35 18.51 -3.77
CA GLN A 202 -43.80 18.45 -5.17
C GLN A 202 -42.76 17.79 -6.05
N ILE A 203 -41.48 17.92 -5.68
CA ILE A 203 -40.40 17.32 -6.44
C ILE A 203 -40.47 15.81 -6.28
N LEU A 204 -40.74 15.37 -5.05
CA LEU A 204 -40.86 13.95 -4.76
C LEU A 204 -42.09 13.40 -5.44
N GLU A 205 -43.12 14.23 -5.54
CA GLU A 205 -44.34 13.81 -6.18
C GLU A 205 -44.11 13.70 -7.68
N GLY A 206 -43.42 14.68 -8.24
CA GLY A 206 -43.12 14.65 -9.66
C GLY A 206 -42.34 13.39 -9.96
N TRP A 207 -41.36 13.11 -9.10
CA TRP A 207 -40.51 11.93 -9.24
C TRP A 207 -41.42 10.72 -9.35
N LYS A 208 -42.18 10.48 -8.28
CA LYS A 208 -43.08 9.35 -8.23
C LYS A 208 -43.89 9.22 -9.51
N LYS A 209 -44.54 10.32 -9.90
CA LYS A 209 -45.37 10.31 -11.08
C LYS A 209 -44.58 9.99 -12.36
N ARG A 210 -43.36 10.51 -12.48
CA ARG A 210 -42.56 10.24 -13.67
C ARG A 210 -42.24 8.75 -13.82
N LEU A 211 -42.18 8.06 -12.68
CA LEU A 211 -41.86 6.65 -12.69
C LEU A 211 -43.02 5.78 -13.17
N GLU A 212 -44.23 6.34 -13.14
CA GLU A 212 -45.38 5.58 -13.59
C GLU A 212 -45.25 5.23 -15.07
N THR A 213 -44.37 5.94 -15.77
CA THR A 213 -44.20 5.71 -17.20
C THR A 213 -42.76 5.81 -17.66
N VAL A 214 -41.82 5.43 -16.80
CA VAL A 214 -40.42 5.49 -17.18
C VAL A 214 -40.12 4.59 -18.35
N TRP A 215 -40.62 3.36 -18.27
CA TRP A 215 -40.40 2.38 -19.31
C TRP A 215 -40.89 2.76 -20.70
N GLU A 216 -41.72 3.80 -20.80
CA GLU A 216 -42.25 4.23 -22.09
C GLU A 216 -41.61 5.51 -22.67
N GLU A 217 -40.62 6.07 -21.98
CA GLU A 217 -40.00 7.30 -22.45
C GLU A 217 -38.99 6.99 -23.52
N THR A 218 -38.65 7.99 -24.33
CA THR A 218 -37.64 7.79 -25.36
C THR A 218 -36.28 8.10 -24.76
N PRO A 219 -35.25 7.35 -25.16
CA PRO A 219 -33.89 7.54 -24.64
C PRO A 219 -33.18 8.74 -25.24
N LEU A 220 -32.05 9.11 -24.65
CA LEU A 220 -31.26 10.23 -25.13
C LEU A 220 -30.63 9.78 -26.43
N TYR A 221 -30.27 10.75 -27.27
CA TYR A 221 -29.68 10.43 -28.56
C TYR A 221 -28.17 10.42 -28.50
N PHE A 222 -27.59 9.27 -28.82
CA PHE A 222 -26.14 9.11 -28.86
C PHE A 222 -25.83 8.70 -30.29
N ALA A 223 -24.69 9.15 -30.81
CA ALA A 223 -24.31 8.82 -32.18
C ALA A 223 -24.21 7.31 -32.33
N PRO A 224 -24.98 6.73 -33.28
CA PRO A 224 -24.98 5.28 -33.52
C PRO A 224 -23.65 4.73 -34.02
N SER A 225 -23.31 3.53 -33.55
CA SER A 225 -22.06 2.91 -33.91
C SER A 225 -21.87 2.73 -35.40
N SER A 226 -23.00 2.61 -36.12
CA SER A 226 -22.99 2.43 -37.57
C SER A 226 -22.12 3.47 -38.27
N LEU A 227 -22.05 4.65 -37.68
CA LEU A 227 -21.26 5.72 -38.26
C LEU A 227 -19.77 5.47 -38.16
N PHE A 228 -19.36 4.35 -37.55
CA PHE A 228 -17.94 4.09 -37.35
C PHE A 228 -17.38 2.77 -37.86
N ASP A 229 -16.11 2.81 -38.24
CA ASP A 229 -15.39 1.63 -38.69
C ASP A 229 -14.79 1.01 -37.42
N LEU A 230 -15.63 0.29 -36.68
CA LEU A 230 -15.20 -0.31 -35.45
C LEU A 230 -14.20 -1.44 -35.60
N ASN A 231 -12.95 -1.07 -35.87
CA ASN A 231 -11.87 -2.05 -36.00
C ASN A 231 -10.53 -1.39 -35.72
N PHE A 232 -9.60 -2.15 -35.15
CA PHE A 232 -8.29 -1.59 -34.83
C PHE A 232 -7.54 -1.18 -36.07
N GLN A 233 -8.13 -1.50 -37.21
CA GLN A 233 -7.55 -1.14 -38.50
C GLN A 233 -7.77 0.33 -38.77
N ALA A 234 -9.04 0.71 -38.86
CA ALA A 234 -9.43 2.07 -39.15
C ALA A 234 -9.20 2.99 -37.96
N GLY A 235 -9.13 2.39 -36.78
CA GLY A 235 -8.92 3.16 -35.56
C GLY A 235 -10.23 3.61 -34.93
N PHE A 236 -11.31 2.94 -35.28
CA PHE A 236 -12.61 3.30 -34.75
C PHE A 236 -12.97 4.74 -35.06
N LEU A 237 -12.89 5.10 -36.35
CA LEU A 237 -13.20 6.45 -36.78
C LEU A 237 -14.54 6.57 -37.49
N LEU A 238 -15.10 7.78 -37.49
CA LEU A 238 -16.37 8.04 -38.17
C LEU A 238 -16.09 7.78 -39.67
N MET A 239 -16.84 6.84 -40.25
CA MET A 239 -16.66 6.45 -41.65
C MET A 239 -16.54 7.63 -42.58
N LYS A 240 -15.60 7.54 -43.52
CA LYS A 240 -15.36 8.61 -44.49
C LYS A 240 -16.63 9.13 -45.14
N GLU A 241 -17.50 8.22 -45.54
CA GLU A 241 -18.76 8.61 -46.15
C GLU A 241 -19.54 9.45 -45.15
N VAL A 242 -19.75 8.92 -43.95
CA VAL A 242 -20.48 9.63 -42.91
C VAL A 242 -19.87 10.99 -42.65
N GLN A 243 -18.55 11.09 -42.71
CA GLN A 243 -17.89 12.38 -42.50
C GLN A 243 -18.32 13.26 -43.69
N GLU A 244 -18.21 12.69 -44.89
CA GLU A 244 -18.59 13.34 -46.14
C GLU A 244 -19.92 14.03 -45.95
N GLU A 245 -20.95 13.22 -45.75
CA GLU A 245 -22.32 13.72 -45.57
C GLU A 245 -22.38 14.74 -44.44
N GLN A 246 -21.91 14.35 -43.25
CA GLN A 246 -21.94 15.22 -42.07
C GLN A 246 -21.42 16.62 -42.33
N LYS A 247 -20.62 16.76 -43.38
CA LYS A 247 -20.06 18.05 -43.73
C LYS A 247 -21.16 19.06 -44.05
N LYS A 248 -22.30 18.58 -44.55
CA LYS A 248 -23.44 19.42 -44.91
C LYS A 248 -24.30 19.78 -43.70
N ASN A 249 -23.97 19.21 -42.55
CA ASN A 249 -24.74 19.47 -41.34
C ASN A 249 -24.13 20.63 -40.56
N LYS A 250 -24.98 21.53 -40.07
CA LYS A 250 -24.50 22.68 -39.33
C LYS A 250 -24.19 22.32 -37.89
N PHE A 251 -24.95 21.38 -37.35
CA PHE A 251 -24.77 20.95 -35.98
C PHE A 251 -23.98 19.65 -35.86
N GLY A 252 -23.40 19.44 -34.69
CA GLY A 252 -22.68 18.21 -34.45
C GLY A 252 -23.72 17.18 -34.07
N LEU A 253 -23.31 15.99 -33.67
CA LEU A 253 -24.26 14.94 -33.33
C LEU A 253 -24.59 14.95 -31.86
N SER A 254 -23.56 14.74 -31.04
CA SER A 254 -23.71 14.72 -29.59
C SER A 254 -22.59 15.57 -28.99
N VAL A 255 -22.65 15.76 -27.67
CA VAL A 255 -21.66 16.55 -26.96
C VAL A 255 -20.22 16.12 -27.26
N GLY A 256 -19.95 14.82 -27.18
CA GLY A 256 -18.63 14.31 -27.47
C GLY A 256 -18.29 14.31 -28.96
N HIS A 257 -19.33 14.20 -29.79
CA HIS A 257 -19.16 14.20 -31.23
C HIS A 257 -19.69 15.52 -31.77
N HIS A 258 -19.14 16.63 -31.29
CA HIS A 258 -19.55 17.96 -31.73
C HIS A 258 -18.93 18.20 -33.11
N LEU A 259 -17.99 17.34 -33.46
CA LEU A 259 -17.32 17.43 -34.75
C LEU A 259 -16.88 18.85 -35.09
N GLY A 260 -16.57 19.62 -34.06
CA GLY A 260 -16.11 20.99 -34.26
C GLY A 260 -17.23 21.97 -34.55
N LYS A 261 -18.45 21.45 -34.72
CA LYS A 261 -19.59 22.31 -34.98
C LYS A 261 -20.29 22.66 -33.67
N SER A 262 -21.41 23.36 -33.77
CA SER A 262 -22.16 23.75 -32.59
C SER A 262 -22.83 22.52 -32.02
N ILE A 263 -22.78 22.38 -30.69
CA ILE A 263 -23.39 21.25 -30.02
C ILE A 263 -24.90 21.40 -29.98
N PRO A 264 -25.64 20.38 -30.44
CA PRO A 264 -27.09 20.34 -30.49
C PRO A 264 -27.81 21.24 -29.48
N ALA A 265 -28.14 20.67 -28.33
CA ALA A 265 -28.83 21.42 -27.29
C ALA A 265 -28.74 20.57 -26.06
N ASP A 266 -29.89 20.28 -25.46
CA ASP A 266 -29.88 19.44 -24.28
C ASP A 266 -29.81 18.00 -24.71
N ASN A 267 -28.84 17.72 -25.57
CA ASN A 267 -28.61 16.38 -26.09
C ASN A 267 -28.45 15.40 -24.92
N GLN A 268 -27.91 15.89 -23.82
CA GLN A 268 -27.70 15.07 -22.65
C GLN A 268 -28.70 15.32 -21.55
N ILE A 269 -29.54 16.34 -21.72
CA ILE A 269 -30.53 16.66 -20.72
C ILE A 269 -31.96 16.32 -21.14
N LYS A 270 -32.28 16.52 -22.41
CA LYS A 270 -33.61 16.21 -22.88
C LYS A 270 -33.61 15.23 -24.04
N ALA A 271 -34.46 14.22 -23.96
CA ALA A 271 -34.59 13.20 -24.99
C ALA A 271 -35.60 13.60 -26.06
N ARG A 272 -35.09 13.91 -27.24
CA ARG A 272 -35.89 14.33 -28.40
C ARG A 272 -34.86 14.75 -29.44
N LYS A 273 -35.33 15.38 -30.52
CA LYS A 273 -34.45 15.86 -31.58
C LYS A 273 -35.19 16.79 -32.54
N ALA B 1 21.91 20.78 21.59
CA ALA B 1 21.94 19.31 21.86
C ALA B 1 20.97 18.55 20.94
N ALA B 2 19.80 19.15 20.72
CA ALA B 2 18.75 18.56 19.89
C ALA B 2 18.81 19.01 18.42
N ARG B 3 18.45 18.11 17.51
CA ARG B 3 18.47 18.42 16.09
C ARG B 3 17.57 17.54 15.23
N ARG B 4 18.19 16.74 14.38
CA ARG B 4 17.48 15.84 13.48
C ARG B 4 17.28 14.42 14.01
N ALA B 5 16.11 13.87 13.76
CA ALA B 5 15.80 12.52 14.17
C ALA B 5 15.05 11.81 13.06
N LEU B 6 15.34 10.53 12.89
CA LEU B 6 14.70 9.73 11.86
C LEU B 6 13.77 8.71 12.50
N ILE B 7 12.55 8.59 11.97
CA ILE B 7 11.60 7.63 12.50
C ILE B 7 11.24 6.64 11.42
N VAL B 8 11.63 5.39 11.59
CA VAL B 8 11.35 4.36 10.62
C VAL B 8 10.16 3.55 11.12
N LEU B 9 9.10 3.53 10.34
CA LEU B 9 7.91 2.81 10.75
C LEU B 9 7.69 1.62 9.84
N ALA B 10 7.37 0.49 10.44
CA ALA B 10 7.10 -0.70 9.65
C ALA B 10 5.70 -1.24 9.99
N HIS B 11 4.70 -0.61 9.38
CA HIS B 11 3.33 -1.02 9.60
C HIS B 11 2.47 -0.48 8.48
N SER B 12 1.67 -1.38 7.94
CA SER B 12 0.76 -1.09 6.82
C SER B 12 -0.47 -0.23 7.12
N GLU B 13 -1.04 -0.37 8.31
CA GLU B 13 -2.24 0.38 8.66
C GLU B 13 -2.01 1.67 9.43
N LYS B 14 -2.75 2.68 9.02
CA LYS B 14 -2.68 3.99 9.64
C LYS B 14 -3.59 4.01 10.87
N THR B 15 -4.32 2.92 11.05
CA THR B 15 -5.25 2.79 12.15
C THR B 15 -4.65 1.96 13.29
N SER B 16 -3.37 1.63 13.20
CA SER B 16 -2.74 0.84 14.23
C SER B 16 -2.14 1.68 15.35
N PHE B 17 -1.89 1.04 16.49
CA PHE B 17 -1.31 1.74 17.60
C PHE B 17 0.10 2.12 17.21
N ASN B 18 0.73 1.26 16.43
CA ASN B 18 2.09 1.52 15.98
C ASN B 18 2.13 2.83 15.22
N TYR B 19 1.05 3.17 14.52
CA TYR B 19 1.02 4.43 13.78
C TYR B 19 0.84 5.54 14.79
N ALA B 20 0.03 5.27 15.79
CA ALA B 20 -0.23 6.24 16.83
C ALA B 20 1.12 6.58 17.41
N MET B 21 1.78 5.55 17.92
CA MET B 21 3.10 5.68 18.53
C MET B 21 4.04 6.46 17.63
N LYS B 22 3.77 6.44 16.33
CA LYS B 22 4.60 7.15 15.37
C LYS B 22 4.30 8.64 15.44
N GLU B 23 3.04 9.01 15.25
CA GLU B 23 2.68 10.40 15.30
C GLU B 23 3.06 11.02 16.66
N ALA B 24 2.80 10.28 17.74
CA ALA B 24 3.12 10.76 19.09
C ALA B 24 4.57 11.25 19.14
N ALA B 25 5.50 10.38 18.79
CA ALA B 25 6.91 10.73 18.78
C ALA B 25 7.17 11.97 17.91
N VAL B 26 6.71 11.93 16.67
CA VAL B 26 6.87 13.06 15.77
C VAL B 26 6.40 14.34 16.45
N GLU B 27 5.14 14.33 16.87
CA GLU B 27 4.54 15.48 17.55
C GLU B 27 5.42 15.94 18.73
N ALA B 28 5.84 14.98 19.54
CA ALA B 28 6.69 15.26 20.70
C ALA B 28 8.02 15.91 20.32
N LEU B 29 8.84 15.22 19.52
CA LEU B 29 10.13 15.77 19.12
C LEU B 29 9.99 17.18 18.53
N LYS B 30 8.99 17.37 17.67
CA LYS B 30 8.76 18.68 17.05
C LYS B 30 8.59 19.79 18.10
N LYS B 31 7.78 19.52 19.13
CA LYS B 31 7.57 20.51 20.18
C LYS B 31 8.88 20.93 20.81
N ARG B 32 9.77 19.96 21.00
CA ARG B 32 11.08 20.24 21.60
C ARG B 32 12.03 20.79 20.54
N GLY B 33 11.45 21.34 19.49
CA GLY B 33 12.27 21.93 18.43
C GLY B 33 13.12 21.02 17.58
N TRP B 34 12.81 19.72 17.54
CA TRP B 34 13.59 18.80 16.71
C TRP B 34 13.18 18.92 15.25
N GLU B 35 13.87 18.18 14.40
CA GLU B 35 13.56 18.17 12.98
C GLU B 35 13.39 16.69 12.62
N VAL B 36 12.15 16.28 12.42
CA VAL B 36 11.83 14.88 12.12
C VAL B 36 11.77 14.48 10.63
N LEU B 37 12.46 13.38 10.34
CA LEU B 37 12.51 12.78 9.01
C LEU B 37 11.80 11.44 9.15
N GLU B 38 11.03 11.05 8.16
CA GLU B 38 10.31 9.79 8.25
C GLU B 38 10.50 8.85 7.08
N SER B 39 10.50 7.56 7.39
CA SER B 39 10.62 6.54 6.37
C SER B 39 9.53 5.50 6.62
N ASP B 40 8.29 5.88 6.33
CA ASP B 40 7.20 4.94 6.49
C ASP B 40 7.38 3.95 5.35
N LEU B 41 8.07 2.85 5.65
CA LEU B 41 8.37 1.84 4.64
C LEU B 41 7.18 1.30 3.86
N TYR B 42 6.11 0.93 4.56
CA TYR B 42 4.93 0.41 3.86
C TYR B 42 4.35 1.47 2.93
N ALA B 43 4.30 2.70 3.44
CA ALA B 43 3.80 3.84 2.66
C ALA B 43 4.68 4.04 1.43
N MET B 44 5.96 4.30 1.66
CA MET B 44 6.90 4.51 0.57
C MET B 44 6.84 3.34 -0.37
N ASN B 45 6.21 2.25 0.07
CA ASN B 45 6.15 1.09 -0.78
C ASN B 45 7.60 0.66 -1.01
N PHE B 46 8.42 0.88 0.02
CA PHE B 46 9.83 0.54 -0.01
C PHE B 46 10.05 -0.90 -0.44
N ASN B 47 11.10 -1.12 -1.21
CA ASN B 47 11.47 -2.47 -1.65
C ASN B 47 12.43 -3.16 -0.64
N PRO B 48 11.97 -4.28 -0.05
CA PRO B 48 12.72 -5.06 0.94
C PRO B 48 13.75 -6.03 0.40
N ILE B 49 13.46 -6.61 -0.77
CA ILE B 49 14.36 -7.60 -1.37
C ILE B 49 15.63 -7.03 -1.96
N ILE B 50 16.70 -7.74 -1.66
CA ILE B 50 18.04 -7.37 -2.09
C ILE B 50 18.39 -8.13 -3.37
N SER B 51 18.86 -7.39 -4.37
CA SER B 51 19.21 -7.98 -5.65
C SER B 51 20.19 -7.10 -6.45
N ARG B 52 20.67 -7.59 -7.59
CA ARG B 52 21.61 -6.84 -8.40
C ARG B 52 21.00 -5.61 -9.04
N ASN B 53 19.85 -5.18 -8.53
CA ASN B 53 19.20 -4.00 -9.08
C ASN B 53 19.54 -2.81 -8.21
N ASP B 54 20.06 -3.08 -7.03
CA ASP B 54 20.44 -2.03 -6.11
C ASP B 54 21.67 -1.30 -6.65
N ILE B 55 22.26 -1.84 -7.72
CA ILE B 55 23.44 -1.25 -8.33
C ILE B 55 23.21 -0.68 -9.73
N THR B 56 23.88 0.43 -10.03
CA THR B 56 23.76 1.09 -11.33
C THR B 56 25.03 0.92 -12.13
N GLY B 57 24.90 0.93 -13.46
CA GLY B 57 26.05 0.78 -14.33
C GLY B 57 26.70 -0.60 -14.34
N GLU B 58 27.91 -0.67 -14.90
CA GLU B 58 28.65 -1.94 -15.00
C GLU B 58 28.86 -2.66 -13.67
N LEU B 59 28.38 -3.89 -13.64
CA LEU B 59 28.44 -4.73 -12.44
C LEU B 59 29.80 -5.32 -12.13
N LYS B 60 30.88 -4.74 -12.64
CA LYS B 60 32.21 -5.27 -12.40
C LYS B 60 32.27 -6.74 -12.85
N ASP B 61 31.93 -7.65 -11.96
CA ASP B 61 31.91 -9.07 -12.28
C ASP B 61 30.51 -9.67 -12.16
N SER B 62 29.71 -9.50 -13.22
CA SER B 62 28.35 -10.01 -13.24
C SER B 62 28.30 -11.48 -13.61
N LYS B 63 29.42 -12.16 -13.37
CA LYS B 63 29.53 -13.59 -13.64
C LYS B 63 29.28 -14.35 -12.33
N ASN B 64 30.25 -14.25 -11.42
CA ASN B 64 30.16 -14.89 -10.12
C ASN B 64 29.67 -13.78 -9.18
N PHE B 65 28.50 -13.23 -9.48
CA PHE B 65 27.94 -12.15 -8.69
C PHE B 65 27.92 -12.38 -7.18
N GLN B 66 28.43 -11.40 -6.44
CA GLN B 66 28.48 -11.44 -4.99
C GLN B 66 28.04 -10.09 -4.48
N TYR B 67 26.90 -10.06 -3.78
CA TYR B 67 26.35 -8.81 -3.29
C TYR B 67 27.19 -7.99 -2.30
N PRO B 68 27.86 -8.64 -1.33
CA PRO B 68 28.62 -7.80 -0.41
C PRO B 68 29.66 -6.93 -1.13
N SER B 69 30.46 -7.54 -2.01
CA SER B 69 31.49 -6.78 -2.72
C SER B 69 30.91 -5.84 -3.77
N GLU B 70 30.01 -6.37 -4.61
CA GLU B 70 29.38 -5.58 -5.65
C GLU B 70 28.72 -4.31 -5.14
N SER B 71 28.20 -4.35 -3.91
CA SER B 71 27.51 -3.20 -3.35
C SER B 71 28.39 -2.18 -2.63
N SER B 72 29.34 -2.62 -1.82
CA SER B 72 30.19 -1.67 -1.11
C SER B 72 31.03 -0.91 -2.14
N LEU B 73 31.24 -1.53 -3.30
CA LEU B 73 32.00 -0.92 -4.38
C LEU B 73 31.07 0.06 -5.12
N ALA B 74 29.83 -0.35 -5.30
CA ALA B 74 28.85 0.52 -5.95
C ALA B 74 28.66 1.75 -5.06
N TYR B 75 28.80 1.54 -3.76
CA TYR B 75 28.64 2.64 -2.83
C TYR B 75 29.70 3.72 -3.05
N LYS B 76 30.97 3.31 -2.96
CA LYS B 76 32.10 4.22 -3.14
C LYS B 76 32.05 4.84 -4.51
N GLU B 77 31.60 4.06 -5.49
CA GLU B 77 31.51 4.56 -6.85
C GLU B 77 30.21 5.33 -7.07
N GLY B 78 29.47 5.56 -5.99
CA GLY B 78 28.22 6.30 -6.06
C GLY B 78 27.22 5.73 -7.06
N ARG B 79 27.32 4.43 -7.33
CA ARG B 79 26.42 3.79 -8.28
C ARG B 79 25.34 2.97 -7.57
N LEU B 80 24.83 3.49 -6.46
CA LEU B 80 23.79 2.78 -5.74
C LEU B 80 22.40 3.26 -6.14
N SER B 81 21.46 2.32 -6.15
CA SER B 81 20.07 2.60 -6.50
C SER B 81 19.63 3.86 -5.74
N PRO B 82 18.88 4.74 -6.42
CA PRO B 82 18.39 6.01 -5.86
C PRO B 82 17.52 5.92 -4.60
N ASP B 83 16.74 4.86 -4.48
CA ASP B 83 15.87 4.70 -3.31
C ASP B 83 16.69 4.37 -2.09
N ILE B 84 17.84 3.74 -2.34
CA ILE B 84 18.72 3.35 -1.26
C ILE B 84 19.51 4.56 -0.82
N VAL B 85 19.84 5.42 -1.77
CA VAL B 85 20.57 6.64 -1.44
C VAL B 85 19.66 7.53 -0.59
N ALA B 86 18.43 7.68 -1.07
CA ALA B 86 17.45 8.48 -0.38
C ALA B 86 17.58 8.25 1.13
N GLU B 87 17.61 6.98 1.53
CA GLU B 87 17.71 6.64 2.94
C GLU B 87 19.02 7.14 3.52
N HIS B 88 20.13 6.82 2.85
CA HIS B 88 21.44 7.24 3.32
C HIS B 88 21.48 8.72 3.69
N LYS B 89 20.86 9.55 2.85
CA LYS B 89 20.85 10.98 3.11
C LYS B 89 20.14 11.25 4.41
N LYS B 90 19.11 10.46 4.70
CA LYS B 90 18.36 10.60 5.95
C LYS B 90 19.23 10.19 7.14
N LEU B 91 19.79 8.99 7.07
CA LEU B 91 20.65 8.48 8.13
C LEU B 91 21.78 9.43 8.45
N GLU B 92 22.43 9.94 7.41
CA GLU B 92 23.53 10.88 7.55
C GLU B 92 23.11 12.14 8.35
N ALA B 93 21.86 12.56 8.21
CA ALA B 93 21.39 13.74 8.91
C ALA B 93 20.81 13.46 10.31
N ALA B 94 20.15 12.32 10.47
CA ALA B 94 19.56 12.00 11.76
C ALA B 94 20.61 11.84 12.88
N ASP B 95 20.27 12.37 14.06
CA ASP B 95 21.14 12.28 15.25
C ASP B 95 20.58 11.16 16.09
N LEU B 96 19.27 10.98 15.98
CA LEU B 96 18.55 9.94 16.72
C LEU B 96 17.66 9.15 15.75
N VAL B 97 17.89 7.84 15.67
CA VAL B 97 17.07 7.02 14.80
C VAL B 97 16.16 6.15 15.64
N ILE B 98 14.86 6.27 15.38
CA ILE B 98 13.87 5.51 16.13
C ILE B 98 13.12 4.51 15.23
N PHE B 99 13.06 3.25 15.68
CA PHE B 99 12.37 2.23 14.91
C PHE B 99 11.10 1.80 15.61
N GLN B 100 9.98 2.02 14.93
CA GLN B 100 8.67 1.68 15.46
C GLN B 100 8.10 0.49 14.70
N PHE B 101 7.76 -0.56 15.43
CA PHE B 101 7.21 -1.74 14.78
C PHE B 101 6.65 -2.77 15.73
N PRO B 102 5.76 -3.64 15.21
CA PRO B 102 5.13 -4.70 16.00
C PRO B 102 6.04 -5.92 15.93
N LEU B 103 6.33 -6.51 17.09
CA LEU B 103 7.16 -7.70 17.14
C LEU B 103 6.51 -8.77 16.28
N GLN B 104 7.29 -9.32 15.34
CA GLN B 104 6.79 -10.35 14.44
C GLN B 104 7.75 -11.52 14.32
N TRP B 105 7.30 -12.69 14.75
CA TRP B 105 8.09 -13.91 14.75
C TRP B 105 9.41 -13.68 15.46
N PHE B 106 9.30 -13.19 16.68
CA PHE B 106 10.44 -12.93 17.54
C PHE B 106 11.43 -11.98 16.94
N GLY B 107 10.99 -11.23 15.94
CA GLY B 107 11.89 -10.31 15.30
C GLY B 107 11.27 -9.08 14.65
N VAL B 108 12.06 -8.48 13.76
CA VAL B 108 11.70 -7.27 13.04
C VAL B 108 10.87 -7.65 11.80
N PRO B 109 10.00 -6.73 11.31
CA PRO B 109 9.19 -7.04 10.13
C PRO B 109 9.99 -7.25 8.85
N ALA B 110 9.55 -8.19 8.03
CA ALA B 110 10.24 -8.51 6.78
C ALA B 110 10.67 -7.24 6.07
N ILE B 111 9.71 -6.33 5.86
CA ILE B 111 10.02 -5.07 5.17
C ILE B 111 11.11 -4.27 5.87
N LEU B 112 11.15 -4.34 7.19
CA LEU B 112 12.17 -3.60 7.95
C LEU B 112 13.53 -4.27 7.78
N LYS B 113 13.55 -5.59 7.98
CA LYS B 113 14.79 -6.35 7.84
C LYS B 113 15.44 -5.94 6.51
N GLY B 114 14.63 -5.96 5.46
CA GLY B 114 15.11 -5.60 4.13
C GLY B 114 15.79 -4.25 4.09
N TRP B 115 15.21 -3.29 4.79
CA TRP B 115 15.78 -1.96 4.83
C TRP B 115 17.20 -2.08 5.41
N PHE B 116 17.35 -2.92 6.43
CA PHE B 116 18.66 -3.14 7.04
C PHE B 116 19.59 -3.69 6.00
N GLU B 117 19.20 -4.86 5.47
CA GLU B 117 19.98 -5.56 4.45
C GLU B 117 20.32 -4.74 3.21
N ARG B 118 19.51 -3.74 2.89
CA ARG B 118 19.78 -2.95 1.72
C ARG B 118 20.40 -1.59 2.00
N VAL B 119 19.92 -0.92 3.04
CA VAL B 119 20.44 0.39 3.36
C VAL B 119 21.81 0.38 4.05
N LEU B 120 21.96 -0.46 5.08
CA LEU B 120 23.22 -0.52 5.81
C LEU B 120 24.30 -1.22 4.99
N VAL B 121 24.87 -0.46 4.07
CA VAL B 121 25.90 -0.92 3.16
C VAL B 121 27.29 -0.90 3.81
N ALA B 122 28.12 -1.88 3.45
CA ALA B 122 29.48 -1.97 3.95
C ALA B 122 30.23 -0.79 3.36
N GLY B 123 31.00 -0.10 4.20
CA GLY B 123 31.74 1.06 3.72
C GLY B 123 31.05 2.33 4.17
N PHE B 124 29.74 2.23 4.37
CA PHE B 124 28.93 3.35 4.82
C PHE B 124 28.49 3.06 6.25
N ALA B 125 27.79 1.95 6.40
CA ALA B 125 27.26 1.51 7.69
C ALA B 125 28.26 0.83 8.62
N TYR B 126 29.24 0.13 8.04
CA TYR B 126 30.23 -0.58 8.85
C TYR B 126 31.44 -1.01 8.03
N THR B 127 32.47 -1.44 8.74
CA THR B 127 33.72 -1.90 8.14
C THR B 127 34.42 -2.81 9.14
N TYR B 128 35.03 -3.89 8.69
CA TYR B 128 35.72 -4.79 9.61
C TYR B 128 36.68 -3.99 10.48
N ALA B 129 37.14 -2.86 9.96
CA ALA B 129 38.05 -1.98 10.68
C ALA B 129 37.21 -1.15 11.65
N ALA B 130 36.07 -0.67 11.18
CA ALA B 130 35.17 0.14 12.01
C ALA B 130 33.93 -0.65 12.45
N MET B 131 34.06 -1.40 13.54
CA MET B 131 32.95 -2.20 14.08
C MET B 131 32.61 -1.73 15.49
N TYR B 132 31.39 -2.06 15.92
CA TYR B 132 30.91 -1.70 17.23
C TYR B 132 31.31 -0.30 17.69
N ASP B 133 31.91 -0.14 18.87
CA ASP B 133 32.24 1.21 19.30
C ASP B 133 33.18 2.02 18.39
N ASN B 134 33.51 1.45 17.23
CA ASN B 134 34.36 2.13 16.25
C ASN B 134 33.49 2.39 15.02
N GLY B 135 32.28 1.87 15.07
CA GLY B 135 31.35 2.04 13.96
C GLY B 135 31.17 3.48 13.52
N PRO B 136 30.79 3.71 12.26
CA PRO B 136 30.59 5.05 11.71
C PRO B 136 29.50 5.85 12.43
N PHE B 137 28.50 5.14 12.95
CA PHE B 137 27.37 5.80 13.59
C PHE B 137 27.49 6.06 15.09
N GLN B 138 28.68 5.87 15.65
CA GLN B 138 28.93 6.08 17.08
C GLN B 138 28.42 7.42 17.67
N ASN B 139 28.18 8.40 16.80
CA ASN B 139 27.70 9.71 17.22
C ASN B 139 26.17 9.78 17.19
N LYS B 140 25.55 8.76 16.60
CA LYS B 140 24.10 8.70 16.51
C LYS B 140 23.55 7.79 17.59
N LYS B 141 22.32 8.03 18.02
CA LYS B 141 21.71 7.19 19.03
C LYS B 141 20.46 6.55 18.43
N THR B 142 20.17 5.33 18.85
CA THR B 142 19.01 4.64 18.33
C THR B 142 18.29 3.84 19.42
N LEU B 143 17.00 3.61 19.20
CA LEU B 143 16.21 2.85 20.14
C LEU B 143 15.09 2.13 19.39
N LEU B 144 14.55 1.08 20.02
CA LEU B 144 13.49 0.29 19.42
C LEU B 144 12.16 0.44 20.18
N SER B 145 11.11 0.80 19.45
CA SER B 145 9.77 0.92 20.05
C SER B 145 9.00 -0.26 19.47
N ILE B 146 8.74 -1.24 20.33
CA ILE B 146 8.07 -2.44 19.86
C ILE B 146 6.67 -2.66 20.42
N THR B 147 5.86 -3.35 19.63
CA THR B 147 4.51 -3.66 20.02
C THR B 147 4.40 -5.17 19.99
N THR B 148 4.03 -5.77 21.12
CA THR B 148 3.90 -7.22 21.17
C THR B 148 2.45 -7.67 21.28
N GLY B 149 2.14 -8.81 20.69
CA GLY B 149 0.79 -9.34 20.79
C GLY B 149 0.64 -10.09 22.11
N GLY B 150 1.65 -10.87 22.45
CA GLY B 150 1.65 -11.64 23.68
C GLY B 150 1.76 -10.75 24.91
N SER B 151 1.69 -11.35 26.09
CA SER B 151 1.78 -10.60 27.34
C SER B 151 3.19 -10.53 27.93
N GLY B 152 3.44 -9.49 28.71
CA GLY B 152 4.74 -9.30 29.33
C GLY B 152 5.27 -10.54 30.02
N SER B 153 4.40 -11.23 30.76
CA SER B 153 4.79 -12.43 31.48
C SER B 153 5.35 -13.49 30.54
N MET B 154 4.75 -13.60 29.36
CA MET B 154 5.19 -14.59 28.38
C MET B 154 6.68 -14.46 28.03
N TYR B 155 7.23 -13.27 28.21
CA TYR B 155 8.64 -13.03 27.92
C TYR B 155 9.55 -12.99 29.14
N SER B 156 8.98 -13.12 30.34
CA SER B 156 9.74 -13.12 31.57
C SER B 156 10.65 -14.38 31.58
N LEU B 157 11.59 -14.46 32.52
CA LEU B 157 12.49 -15.60 32.55
C LEU B 157 11.74 -16.92 32.68
N GLN B 158 10.62 -16.90 33.40
CA GLN B 158 9.83 -18.10 33.59
C GLN B 158 8.64 -18.13 32.62
N GLY B 159 8.75 -17.38 31.54
CA GLY B 159 7.66 -17.35 30.58
C GLY B 159 7.83 -18.38 29.49
N VAL B 160 6.77 -18.65 28.75
CA VAL B 160 6.82 -19.62 27.67
C VAL B 160 7.91 -19.29 26.66
N HIS B 161 7.84 -18.09 26.09
CA HIS B 161 8.79 -17.67 25.06
C HIS B 161 10.24 -17.44 25.52
N GLY B 162 10.44 -17.16 26.80
CA GLY B 162 11.78 -16.94 27.27
C GLY B 162 12.25 -15.50 27.34
N ASP B 163 13.37 -15.31 28.03
CA ASP B 163 13.98 -14.01 28.22
C ASP B 163 13.90 -13.09 27.01
N MET B 164 13.29 -11.92 27.21
CA MET B 164 13.14 -10.96 26.12
C MET B 164 14.49 -10.42 25.70
N ASN B 165 15.42 -10.34 26.64
CA ASN B 165 16.75 -9.82 26.34
C ASN B 165 17.44 -10.61 25.23
N VAL B 166 17.27 -11.93 25.23
CA VAL B 166 17.87 -12.77 24.20
C VAL B 166 17.35 -12.33 22.82
N ILE B 167 16.05 -12.15 22.74
CA ILE B 167 15.38 -11.76 21.50
C ILE B 167 15.91 -10.45 20.92
N LEU B 168 16.09 -9.43 21.77
CA LEU B 168 16.57 -8.13 21.31
C LEU B 168 18.05 -8.12 20.92
N TRP B 169 18.86 -8.92 21.63
CA TRP B 169 20.29 -8.99 21.38
C TRP B 169 20.72 -8.97 19.91
N PRO B 170 20.20 -9.89 19.09
CA PRO B 170 20.56 -9.94 17.66
C PRO B 170 20.31 -8.60 16.95
N ILE B 171 19.25 -7.93 17.34
CA ILE B 171 18.92 -6.66 16.73
C ILE B 171 19.74 -5.52 17.29
N GLN B 172 19.80 -5.42 18.61
CA GLN B 172 20.52 -4.32 19.25
C GLN B 172 22.04 -4.37 19.18
N SER B 173 22.61 -5.53 19.48
CA SER B 173 24.05 -5.66 19.42
C SER B 173 24.46 -6.05 18.03
N GLY B 174 23.69 -6.95 17.43
CA GLY B 174 24.00 -7.44 16.10
C GLY B 174 23.95 -6.46 14.93
N ILE B 175 22.97 -5.57 14.92
CA ILE B 175 22.87 -4.63 13.81
C ILE B 175 23.24 -3.21 14.20
N LEU B 176 22.61 -2.73 15.26
CA LEU B 176 22.83 -1.37 15.75
C LEU B 176 24.16 -1.13 16.48
N ARG B 177 24.50 -2.00 17.43
CA ARG B 177 25.77 -1.81 18.11
C ARG B 177 26.86 -1.98 17.07
N PHE B 178 26.70 -3.00 16.25
CA PHE B 178 27.67 -3.31 15.20
C PHE B 178 28.08 -2.09 14.40
N CYS B 179 27.09 -1.38 13.90
CA CYS B 179 27.28 -0.20 13.07
C CYS B 179 27.83 1.00 13.80
N GLY B 180 27.81 0.93 15.14
CA GLY B 180 28.34 2.02 15.94
C GLY B 180 27.36 2.74 16.86
N PHE B 181 26.07 2.63 16.56
CA PHE B 181 25.00 3.27 17.33
C PHE B 181 25.10 3.11 18.83
N GLN B 182 24.49 4.07 19.51
CA GLN B 182 24.40 4.07 20.96
C GLN B 182 22.97 3.56 21.14
N VAL B 183 22.81 2.34 21.67
CA VAL B 183 21.47 1.79 21.82
C VAL B 183 20.85 2.15 23.14
N LEU B 184 19.78 2.94 23.07
CA LEU B 184 19.05 3.37 24.27
C LEU B 184 18.04 2.30 24.71
N GLU B 185 17.45 2.45 25.89
CA GLU B 185 16.46 1.48 26.35
C GLU B 185 15.28 1.34 25.40
N PRO B 186 14.89 0.09 25.06
CA PRO B 186 13.77 -0.16 24.15
C PRO B 186 12.41 0.14 24.75
N GLN B 187 11.54 0.74 23.94
CA GLN B 187 10.17 1.10 24.36
C GLN B 187 9.28 -0.13 24.14
N LEU B 188 9.08 -0.88 25.21
CA LEU B 188 8.29 -2.11 25.12
C LEU B 188 6.84 -2.00 25.53
N VAL B 189 5.95 -2.28 24.59
CA VAL B 189 4.50 -2.23 24.82
C VAL B 189 3.92 -3.64 24.61
N TYR B 190 3.58 -4.31 25.70
CA TYR B 190 3.04 -5.65 25.56
C TYR B 190 1.56 -5.70 25.38
N SER B 191 1.12 -6.60 24.50
CA SER B 191 -0.29 -6.83 24.22
C SER B 191 -1.17 -5.58 24.32
N ILE B 192 -1.31 -4.85 23.22
CA ILE B 192 -2.15 -3.66 23.26
C ILE B 192 -3.55 -4.11 22.86
N GLY B 193 -3.66 -5.36 22.45
CA GLY B 193 -4.96 -5.87 22.06
C GLY B 193 -5.74 -6.18 23.31
N HIS B 194 -5.04 -6.18 24.44
CA HIS B 194 -5.68 -6.43 25.72
C HIS B 194 -5.72 -5.21 26.60
N THR B 195 -4.76 -4.30 26.45
CA THR B 195 -4.77 -3.10 27.27
C THR B 195 -6.02 -2.30 26.91
N PRO B 196 -6.68 -1.70 27.90
CA PRO B 196 -7.89 -0.92 27.70
C PRO B 196 -7.59 0.47 27.10
N PRO B 197 -8.64 1.21 26.70
CA PRO B 197 -8.52 2.54 26.10
C PRO B 197 -7.69 3.53 26.91
N ASP B 198 -7.90 3.54 28.22
CA ASP B 198 -7.16 4.43 29.11
C ASP B 198 -5.65 4.20 28.91
N ALA B 199 -5.17 3.08 29.45
CA ALA B 199 -3.78 2.69 29.37
C ALA B 199 -3.12 3.09 28.06
N ARG B 200 -3.79 2.82 26.93
CA ARG B 200 -3.24 3.15 25.63
C ARG B 200 -2.87 4.62 25.52
N MET B 201 -3.74 5.48 26.04
CA MET B 201 -3.46 6.91 26.02
C MET B 201 -2.29 7.20 26.96
N GLN B 202 -2.35 6.75 28.21
CA GLN B 202 -1.24 6.97 29.15
C GLN B 202 0.07 6.44 28.57
N ILE B 203 -0.01 5.39 27.76
CA ILE B 203 1.18 4.82 27.14
C ILE B 203 1.73 5.82 26.13
N LEU B 204 0.83 6.43 25.38
CA LEU B 204 1.20 7.41 24.38
C LEU B 204 1.73 8.66 25.08
N GLU B 205 1.19 8.95 26.26
CA GLU B 205 1.62 10.11 27.02
C GLU B 205 3.02 9.84 27.54
N GLY B 206 3.21 8.64 28.09
CA GLY B 206 4.50 8.27 28.63
C GLY B 206 5.56 8.39 27.53
N TRP B 207 5.21 7.87 26.36
CA TRP B 207 6.08 7.89 25.18
C TRP B 207 6.51 9.33 24.93
N LYS B 208 5.52 10.19 24.71
CA LYS B 208 5.75 11.61 24.47
C LYS B 208 6.70 12.20 25.48
N LYS B 209 6.38 12.01 26.77
CA LYS B 209 7.20 12.53 27.85
C LYS B 209 8.63 11.98 27.85
N ARG B 210 8.78 10.68 27.61
CA ARG B 210 10.12 10.09 27.56
C ARG B 210 10.99 10.72 26.46
N LEU B 211 10.37 11.22 25.41
CA LEU B 211 11.13 11.82 24.33
C LEU B 211 11.64 13.20 24.65
N GLU B 212 11.07 13.83 25.67
CA GLU B 212 11.52 15.15 26.03
C GLU B 212 12.97 15.12 26.51
N THR B 213 13.44 13.93 26.83
CA THR B 213 14.78 13.76 27.36
C THR B 213 15.52 12.54 26.82
N VAL B 214 15.19 12.11 25.62
CA VAL B 214 15.84 10.93 25.07
C VAL B 214 17.33 11.12 24.94
N TRP B 215 17.71 12.27 24.40
CA TRP B 215 19.12 12.59 24.16
C TRP B 215 20.02 12.58 25.39
N GLU B 216 19.40 12.58 26.57
CA GLU B 216 20.15 12.61 27.83
C GLU B 216 20.18 11.28 28.61
N GLU B 217 19.56 10.23 28.07
CA GLU B 217 19.56 8.94 28.75
C GLU B 217 20.88 8.23 28.51
N THR B 218 21.19 7.26 29.37
CA THR B 218 22.41 6.49 29.21
C THR B 218 22.09 5.29 28.33
N PRO B 219 23.03 4.89 27.49
CA PRO B 219 22.83 3.76 26.58
C PRO B 219 22.93 2.43 27.25
N LEU B 220 22.56 1.38 26.53
CA LEU B 220 22.64 0.03 27.05
C LEU B 220 24.12 -0.34 27.08
N TYR B 221 24.46 -1.29 27.94
CA TYR B 221 25.83 -1.74 28.09
C TYR B 221 26.17 -2.90 27.18
N PHE B 222 27.11 -2.68 26.27
CA PHE B 222 27.60 -3.71 25.36
C PHE B 222 29.08 -3.88 25.69
N ALA B 223 29.60 -5.10 25.59
CA ALA B 223 31.02 -5.34 25.88
C ALA B 223 31.87 -4.51 24.93
N PRO B 224 32.73 -3.63 25.47
CA PRO B 224 33.59 -2.79 24.65
C PRO B 224 34.60 -3.56 23.81
N SER B 225 34.86 -3.08 22.62
CA SER B 225 35.79 -3.72 21.69
C SER B 225 37.18 -3.89 22.26
N SER B 226 37.57 -3.01 23.18
CA SER B 226 38.89 -3.06 23.79
C SER B 226 39.21 -4.43 24.33
N LEU B 227 38.16 -5.15 24.75
CA LEU B 227 38.34 -6.48 25.29
C LEU B 227 38.75 -7.51 24.25
N PHE B 228 38.87 -7.09 22.99
CA PHE B 228 39.20 -8.04 21.95
C PHE B 228 40.39 -7.71 21.03
N ASP B 229 41.00 -8.77 20.52
CA ASP B 229 42.10 -8.66 19.60
C ASP B 229 41.45 -8.65 18.21
N LEU B 230 40.95 -7.48 17.82
CA LEU B 230 40.27 -7.34 16.55
C LEU B 230 41.18 -7.45 15.33
N ASN B 231 41.56 -8.68 15.01
CA ASN B 231 42.40 -8.97 13.85
C ASN B 231 42.18 -10.40 13.39
N PHE B 232 42.23 -10.61 12.07
CA PHE B 232 42.03 -11.95 11.51
C PHE B 232 43.11 -12.92 12.01
N GLN B 233 44.08 -12.37 12.73
CA GLN B 233 45.16 -13.14 13.31
C GLN B 233 44.64 -13.90 14.52
N ALA B 234 44.25 -13.13 15.53
CA ALA B 234 43.72 -13.64 16.79
C ALA B 234 42.36 -14.29 16.63
N GLY B 235 41.64 -13.88 15.59
CA GLY B 235 40.30 -14.43 15.36
C GLY B 235 39.25 -13.61 16.08
N PHE B 236 39.60 -12.37 16.42
CA PHE B 236 38.67 -11.49 17.08
C PHE B 236 38.19 -12.12 18.38
N LEU B 237 39.13 -12.53 19.22
CA LEU B 237 38.77 -13.15 20.49
C LEU B 237 38.99 -12.22 21.68
N LEU B 238 38.32 -12.53 22.78
CA LEU B 238 38.42 -11.78 24.03
C LEU B 238 39.88 -11.96 24.46
N MET B 239 40.60 -10.85 24.60
CA MET B 239 42.01 -10.88 24.95
C MET B 239 42.31 -11.80 26.12
N LYS B 240 43.38 -12.59 26.00
CA LYS B 240 43.79 -13.54 27.05
C LYS B 240 43.79 -12.92 28.45
N GLU B 241 44.31 -11.71 28.57
CA GLU B 241 44.35 -10.99 29.85
C GLU B 241 42.91 -10.82 30.35
N VAL B 242 42.09 -10.20 29.50
CA VAL B 242 40.69 -9.95 29.81
C VAL B 242 39.98 -11.24 30.21
N GLN B 243 40.34 -12.35 29.55
CA GLN B 243 39.73 -13.62 29.89
C GLN B 243 40.20 -13.93 31.31
N GLU B 244 41.51 -13.78 31.50
CA GLU B 244 42.17 -14.02 32.78
C GLU B 244 41.37 -13.36 33.90
N GLU B 245 41.32 -12.04 33.85
CA GLU B 245 40.59 -11.25 34.84
C GLU B 245 39.13 -11.70 34.98
N GLN B 246 38.43 -11.69 33.85
CA GLN B 246 37.01 -12.07 33.81
C GLN B 246 36.71 -13.38 34.54
N LYS B 247 37.75 -14.18 34.74
CA LYS B 247 37.64 -15.46 35.44
C LYS B 247 37.14 -15.24 36.86
N LYS B 248 37.51 -14.11 37.46
CA LYS B 248 37.12 -13.76 38.83
C LYS B 248 35.71 -13.19 38.93
N ASN B 249 35.07 -12.98 37.78
CA ASN B 249 33.72 -12.41 37.73
C ASN B 249 32.68 -13.51 37.74
N LYS B 250 31.64 -13.34 38.55
CA LYS B 250 30.58 -14.35 38.63
C LYS B 250 29.60 -14.22 37.47
N PHE B 251 29.39 -12.99 37.02
CA PHE B 251 28.47 -12.71 35.92
C PHE B 251 29.16 -12.54 34.58
N GLY B 252 28.43 -12.78 33.50
CA GLY B 252 28.97 -12.59 32.18
C GLY B 252 28.89 -11.08 31.93
N LEU B 253 29.21 -10.64 30.72
CA LEU B 253 29.17 -9.22 30.38
C LEU B 253 27.82 -8.80 29.84
N SER B 254 27.45 -9.38 28.70
CA SER B 254 26.19 -9.11 28.03
C SER B 254 25.57 -10.43 27.65
N VAL B 255 24.36 -10.37 27.11
CA VAL B 255 23.64 -11.59 26.70
C VAL B 255 24.47 -12.47 25.77
N GLY B 256 25.07 -11.87 24.75
CA GLY B 256 25.88 -12.64 23.81
C GLY B 256 27.22 -13.08 24.37
N HIS B 257 27.70 -12.29 25.31
CA HIS B 257 28.96 -12.57 25.97
C HIS B 257 28.67 -13.00 27.41
N HIS B 258 27.89 -14.07 27.55
CA HIS B 258 27.54 -14.57 28.87
C HIS B 258 28.74 -15.36 29.40
N LEU B 259 29.69 -15.61 28.50
CA LEU B 259 30.91 -16.33 28.83
C LEU B 259 30.64 -17.56 29.69
N GLY B 260 29.48 -18.16 29.47
CA GLY B 260 29.11 -19.36 30.20
C GLY B 260 28.63 -19.11 31.61
N LYS B 261 28.73 -17.87 32.06
CA LYS B 261 28.28 -17.52 33.39
C LYS B 261 26.83 -17.08 33.32
N SER B 262 26.32 -16.62 34.46
CA SER B 262 24.96 -16.14 34.54
C SER B 262 24.86 -14.79 33.83
N ILE B 263 23.82 -14.63 33.03
CA ILE B 263 23.59 -13.39 32.27
C ILE B 263 23.12 -12.28 33.21
N PRO B 264 23.82 -11.13 33.22
CA PRO B 264 23.51 -9.97 34.04
C PRO B 264 22.07 -9.84 34.49
N ALA B 265 21.28 -9.10 33.72
CA ALA B 265 19.88 -8.91 34.05
C ALA B 265 19.24 -8.34 32.81
N ASP B 266 18.58 -7.20 32.96
CA ASP B 266 17.96 -6.57 31.81
C ASP B 266 19.04 -5.80 31.04
N ASN B 267 20.14 -6.48 30.77
CA ASN B 267 21.27 -5.91 30.04
C ASN B 267 20.77 -5.32 28.73
N GLN B 268 19.74 -5.95 28.17
CA GLN B 268 19.16 -5.53 26.91
C GLN B 268 17.85 -4.73 27.07
N ILE B 269 17.31 -4.73 28.28
CA ILE B 269 16.08 -4.01 28.54
C ILE B 269 16.25 -2.73 29.35
N LYS B 270 17.16 -2.72 30.31
CA LYS B 270 17.35 -1.51 31.09
C LYS B 270 18.81 -1.05 31.07
N ALA B 271 19.00 0.25 30.86
CA ALA B 271 20.33 0.84 30.80
C ALA B 271 20.79 1.30 32.19
N ARG B 272 21.79 0.58 32.71
CA ARG B 272 22.38 0.84 34.02
C ARG B 272 23.32 -0.33 34.25
N LYS B 273 23.85 -0.44 35.47
CA LYS B 273 24.74 -1.54 35.83
C LYS B 273 24.91 -1.59 37.35
N ALA C 1 12.85 29.83 -8.41
CA ALA C 1 11.55 29.53 -9.10
C ALA C 1 11.03 28.12 -8.76
N ALA C 2 11.97 27.19 -8.60
CA ALA C 2 11.67 25.79 -8.28
C ALA C 2 11.69 25.49 -6.78
N ARG C 3 10.81 24.59 -6.35
CA ARG C 3 10.74 24.22 -4.94
C ARG C 3 10.10 22.88 -4.63
N ARG C 4 8.94 22.92 -4.00
CA ARG C 4 8.23 21.69 -3.64
C ARG C 4 7.18 21.28 -4.65
N ALA C 5 7.06 19.97 -4.86
CA ALA C 5 6.08 19.43 -5.78
C ALA C 5 5.46 18.19 -5.16
N LEU C 6 4.16 18.02 -5.37
CA LEU C 6 3.45 16.85 -4.84
C LEU C 6 3.05 15.93 -5.98
N ILE C 7 3.28 14.64 -5.82
CA ILE C 7 2.91 13.69 -6.86
C ILE C 7 1.92 12.72 -6.25
N VAL C 8 0.71 12.72 -6.76
CA VAL C 8 -0.31 11.82 -6.27
C VAL C 8 -0.46 10.69 -7.28
N LEU C 9 -0.28 9.46 -6.80
CA LEU C 9 -0.36 8.30 -7.68
C LEU C 9 -1.53 7.43 -7.31
N ALA C 10 -2.27 6.98 -8.32
CA ALA C 10 -3.43 6.14 -8.10
C ALA C 10 -3.28 4.86 -8.90
N HIS C 11 -2.46 3.97 -8.36
CA HIS C 11 -2.22 2.70 -8.99
C HIS C 11 -1.67 1.68 -7.99
N SER C 12 -2.30 0.51 -7.98
CA SER C 12 -1.96 -0.56 -7.07
C SER C 12 -0.67 -1.29 -7.33
N GLU C 13 -0.29 -1.42 -8.60
CA GLU C 13 0.92 -2.16 -8.93
C GLU C 13 2.18 -1.34 -9.14
N LYS C 14 3.27 -1.84 -8.58
CA LYS C 14 4.55 -1.19 -8.68
C LYS C 14 5.20 -1.57 -10.01
N THR C 15 4.58 -2.51 -10.70
CA THR C 15 5.09 -2.97 -11.99
C THR C 15 4.40 -2.31 -13.16
N SER C 16 3.57 -1.30 -12.89
CA SER C 16 2.84 -0.61 -13.94
C SER C 16 3.62 0.54 -14.56
N PHE C 17 3.20 0.95 -15.75
CA PHE C 17 3.87 2.06 -16.43
C PHE C 17 3.57 3.31 -15.64
N ASN C 18 2.40 3.32 -15.01
CA ASN C 18 2.00 4.45 -14.21
C ASN C 18 2.98 4.64 -13.04
N TYR C 19 3.54 3.54 -12.55
CA TYR C 19 4.49 3.65 -11.45
C TYR C 19 5.81 4.14 -12.04
N ALA C 20 6.11 3.68 -13.24
CA ALA C 20 7.31 4.09 -13.94
C ALA C 20 7.21 5.61 -14.07
N MET C 21 6.18 6.04 -14.75
CA MET C 21 5.93 7.45 -14.95
C MET C 21 6.09 8.21 -13.64
N LYS C 22 5.79 7.56 -12.53
CA LYS C 22 5.88 8.21 -11.24
C LYS C 22 7.35 8.40 -10.85
N GLU C 23 8.14 7.33 -10.84
CA GLU C 23 9.54 7.45 -10.47
C GLU C 23 10.26 8.40 -11.41
N ALA C 24 9.94 8.33 -12.69
CA ALA C 24 10.57 9.20 -13.66
C ALA C 24 10.44 10.65 -13.22
N ALA C 25 9.22 11.09 -13.04
CA ALA C 25 8.98 12.46 -12.60
C ALA C 25 9.81 12.79 -11.34
N VAL C 26 9.66 11.97 -10.31
CA VAL C 26 10.38 12.14 -9.04
C VAL C 26 11.88 12.33 -9.32
N GLU C 27 12.44 11.35 -10.02
CA GLU C 27 13.85 11.36 -10.38
C GLU C 27 14.19 12.67 -11.10
N ALA C 28 13.37 13.04 -12.07
CA ALA C 28 13.59 14.27 -12.83
C ALA C 28 13.58 15.52 -11.97
N LEU C 29 12.47 15.79 -11.27
CA LEU C 29 12.37 16.98 -10.43
C LEU C 29 13.52 17.07 -9.45
N LYS C 30 13.87 15.95 -8.84
CA LYS C 30 14.97 15.95 -7.90
C LYS C 30 16.28 16.46 -8.50
N LYS C 31 16.60 16.02 -9.72
CA LYS C 31 17.83 16.46 -10.39
C LYS C 31 17.84 17.97 -10.55
N ARG C 32 16.67 18.54 -10.83
CA ARG C 32 16.55 19.98 -11.00
C ARG C 32 16.44 20.67 -9.63
N GLY C 33 16.86 19.96 -8.59
CA GLY C 33 16.81 20.50 -7.25
C GLY C 33 15.46 20.70 -6.59
N TRP C 34 14.43 20.04 -7.08
CA TRP C 34 13.10 20.16 -6.47
C TRP C 34 13.05 19.37 -5.18
N GLU C 35 11.91 19.46 -4.49
CA GLU C 35 11.70 18.71 -3.25
C GLU C 35 10.38 18.01 -3.47
N VAL C 36 10.44 16.71 -3.69
CA VAL C 36 9.24 15.93 -3.97
C VAL C 36 8.54 15.26 -2.78
N LEU C 37 7.22 15.44 -2.74
CA LEU C 37 6.36 14.86 -1.71
C LEU C 37 5.47 13.88 -2.44
N GLU C 38 5.17 12.74 -1.84
CA GLU C 38 4.33 11.78 -2.55
C GLU C 38 3.15 11.25 -1.76
N SER C 39 2.08 10.97 -2.48
CA SER C 39 0.88 10.41 -1.85
C SER C 39 0.45 9.20 -2.67
N ASP C 40 1.19 8.11 -2.53
CA ASP C 40 0.81 6.91 -3.26
C ASP C 40 -0.41 6.41 -2.53
N LEU C 41 -1.58 6.79 -3.03
CA LEU C 41 -2.83 6.42 -2.40
C LEU C 41 -3.02 4.94 -2.12
N TYR C 42 -2.78 4.08 -3.10
CA TYR C 42 -2.95 2.65 -2.86
C TYR C 42 -1.98 2.16 -1.80
N ALA C 43 -0.76 2.66 -1.87
CA ALA C 43 0.26 2.31 -0.89
C ALA C 43 -0.19 2.72 0.50
N MET C 44 -0.39 4.02 0.68
CA MET C 44 -0.83 4.56 1.96
C MET C 44 -2.09 3.86 2.43
N ASN C 45 -2.71 3.10 1.54
CA ASN C 45 -3.96 2.44 1.88
C ASN C 45 -4.93 3.53 2.24
N PHE C 46 -4.81 4.66 1.56
CA PHE C 46 -5.66 5.81 1.77
C PHE C 46 -7.12 5.43 1.73
N ASN C 47 -7.92 6.09 2.55
CA ASN C 47 -9.35 5.84 2.60
C ASN C 47 -10.08 6.80 1.66
N PRO C 48 -10.77 6.24 0.66
CA PRO C 48 -11.53 6.99 -0.36
C PRO C 48 -12.94 7.46 0.03
N ILE C 49 -13.62 6.65 0.82
CA ILE C 49 -14.97 6.97 1.23
C ILE C 49 -15.10 8.08 2.26
N ILE C 50 -16.07 8.94 2.00
CA ILE C 50 -16.36 10.10 2.84
C ILE C 50 -17.50 9.78 3.81
N SER C 51 -17.29 10.08 5.09
CA SER C 51 -18.30 9.81 6.10
C SER C 51 -18.03 10.66 7.35
N ARG C 52 -18.91 10.57 8.32
CA ARG C 52 -18.78 11.36 9.56
C ARG C 52 -17.60 10.96 10.45
N ASN C 53 -16.64 10.25 9.87
CA ASN C 53 -15.48 9.84 10.63
C ASN C 53 -14.35 10.78 10.31
N ASP C 54 -14.52 11.57 9.24
CA ASP C 54 -13.50 12.53 8.84
C ASP C 54 -13.45 13.66 9.86
N ILE C 55 -14.42 13.68 10.79
CA ILE C 55 -14.50 14.71 11.82
C ILE C 55 -14.22 14.22 13.23
N THR C 56 -13.57 15.07 14.02
CA THR C 56 -13.22 14.74 15.38
C THR C 56 -14.08 15.53 16.36
N GLY C 57 -14.33 14.97 17.54
CA GLY C 57 -15.11 15.68 18.53
C GLY C 57 -16.59 15.84 18.24
N GLU C 58 -17.27 16.71 19.00
CA GLU C 58 -18.72 16.95 18.83
C GLU C 58 -19.11 17.35 17.41
N LEU C 59 -20.02 16.56 16.85
CA LEU C 59 -20.50 16.76 15.50
C LEU C 59 -21.50 17.90 15.32
N LYS C 60 -21.50 18.87 16.22
CA LYS C 60 -22.45 19.98 16.10
C LYS C 60 -23.88 19.43 16.04
N ASP C 61 -24.36 19.15 14.83
CA ASP C 61 -25.69 18.61 14.64
C ASP C 61 -25.64 17.20 14.03
N SER C 62 -25.44 16.20 14.88
CA SER C 62 -25.37 14.82 14.43
C SER C 62 -26.76 14.22 14.24
N LYS C 63 -27.73 15.09 14.03
CA LYS C 63 -29.10 14.67 13.82
C LYS C 63 -29.35 14.67 12.31
N ASN C 64 -29.44 15.87 11.76
CA ASN C 64 -29.64 16.03 10.31
C ASN C 64 -28.25 16.24 9.73
N PHE C 65 -27.39 15.24 9.91
CA PHE C 65 -26.02 15.32 9.41
C PHE C 65 -25.89 15.75 7.94
N GLN C 66 -25.05 16.74 7.71
CA GLN C 66 -24.75 17.26 6.38
C GLN C 66 -23.25 17.44 6.26
N TYR C 67 -22.62 16.64 5.41
CA TYR C 67 -21.17 16.69 5.24
C TYR C 67 -20.53 18.01 4.83
N PRO C 68 -21.14 18.74 3.89
CA PRO C 68 -20.50 19.99 3.50
C PRO C 68 -20.26 20.93 4.68
N SER C 69 -21.31 21.18 5.45
CA SER C 69 -21.23 22.07 6.61
C SER C 69 -20.41 21.49 7.74
N GLU C 70 -20.72 20.26 8.12
CA GLU C 70 -20.01 19.62 9.22
C GLU C 70 -18.50 19.57 9.02
N SER C 71 -18.06 19.51 7.77
CA SER C 71 -16.64 19.41 7.48
C SER C 71 -15.89 20.73 7.39
N SER C 72 -16.47 21.71 6.72
CA SER C 72 -15.81 23.01 6.59
C SER C 72 -15.66 23.63 7.97
N LEU C 73 -16.59 23.26 8.85
CA LEU C 73 -16.58 23.76 10.22
C LEU C 73 -15.52 22.98 11.00
N ALA C 74 -15.44 21.67 10.78
CA ALA C 74 -14.44 20.88 11.47
C ALA C 74 -13.08 21.36 11.01
N TYR C 75 -13.02 21.85 9.77
CA TYR C 75 -11.77 22.34 9.23
C TYR C 75 -11.25 23.52 10.06
N LYS C 76 -12.06 24.58 10.10
CA LYS C 76 -11.72 25.81 10.86
C LYS C 76 -11.47 25.50 12.33
N GLU C 77 -12.23 24.54 12.87
CA GLU C 77 -12.05 24.16 14.25
C GLU C 77 -10.95 23.12 14.41
N GLY C 78 -10.16 22.94 13.35
CA GLY C 78 -9.07 22.00 13.39
C GLY C 78 -9.43 20.61 13.87
N ARG C 79 -10.69 20.22 13.70
CA ARG C 79 -11.15 18.90 14.14
C ARG C 79 -11.29 17.93 12.98
N LEU C 80 -10.38 18.00 12.02
CA LEU C 80 -10.41 17.10 10.87
C LEU C 80 -9.54 15.87 11.11
N SER C 81 -10.02 14.74 10.58
CA SER C 81 -9.36 13.47 10.66
C SER C 81 -7.87 13.68 10.32
N PRO C 82 -6.95 13.07 11.09
CA PRO C 82 -5.49 13.19 10.90
C PRO C 82 -4.96 12.82 9.52
N ASP C 83 -5.55 11.81 8.88
CA ASP C 83 -5.07 11.38 7.56
C ASP C 83 -5.41 12.41 6.51
N ILE C 84 -6.48 13.15 6.78
CA ILE C 84 -6.91 14.18 5.87
C ILE C 84 -6.01 15.41 6.04
N VAL C 85 -5.58 15.67 7.28
CA VAL C 85 -4.72 16.81 7.50
C VAL C 85 -3.36 16.52 6.87
N ALA C 86 -2.88 15.31 7.07
CA ALA C 86 -1.59 14.90 6.50
C ALA C 86 -1.48 15.40 5.06
N GLU C 87 -2.54 15.21 4.28
CA GLU C 87 -2.53 15.65 2.90
C GLU C 87 -2.47 17.17 2.85
N HIS C 88 -3.37 17.85 3.58
CA HIS C 88 -3.40 19.30 3.59
C HIS C 88 -2.02 19.89 3.77
N LYS C 89 -1.24 19.33 4.70
CA LYS C 89 0.10 19.83 4.93
C LYS C 89 0.92 19.72 3.67
N LYS C 90 0.71 18.65 2.91
CA LYS C 90 1.44 18.45 1.66
C LYS C 90 1.01 19.48 0.63
N LEU C 91 -0.30 19.61 0.42
CA LEU C 91 -0.86 20.57 -0.52
C LEU C 91 -0.38 21.98 -0.24
N GLU C 92 -0.38 22.35 1.03
CA GLU C 92 0.06 23.67 1.44
C GLU C 92 1.52 23.93 1.05
N ALA C 93 2.34 22.89 1.03
CA ALA C 93 3.77 23.02 0.68
C ALA C 93 4.06 22.92 -0.80
N ALA C 94 3.35 22.04 -1.49
CA ALA C 94 3.55 21.86 -2.92
C ALA C 94 3.29 23.11 -3.76
N ASP C 95 4.18 23.37 -4.73
CA ASP C 95 4.04 24.49 -5.65
C ASP C 95 3.44 23.94 -6.91
N LEU C 96 3.79 22.68 -7.20
CA LEU C 96 3.30 21.98 -8.37
C LEU C 96 2.73 20.63 -7.96
N VAL C 97 1.45 20.41 -8.27
CA VAL C 97 0.83 19.13 -7.93
C VAL C 97 0.59 18.33 -9.22
N ILE C 98 1.14 17.12 -9.25
CA ILE C 98 1.02 16.25 -10.41
C ILE C 98 0.23 14.99 -10.10
N PHE C 99 -0.77 14.71 -10.92
CA PHE C 99 -1.60 13.52 -10.71
C PHE C 99 -1.31 12.49 -11.78
N GLN C 100 -0.84 11.33 -11.34
CA GLN C 100 -0.50 10.22 -12.25
C GLN C 100 -1.54 9.12 -12.07
N PHE C 101 -2.17 8.72 -13.17
CA PHE C 101 -3.19 7.69 -13.08
C PHE C 101 -3.68 7.18 -14.44
N PRO C 102 -4.19 5.94 -14.46
CA PRO C 102 -4.71 5.31 -15.66
C PRO C 102 -6.16 5.73 -15.82
N LEU C 103 -6.52 6.21 -17.01
CA LEU C 103 -7.91 6.63 -17.25
C LEU C 103 -8.79 5.42 -16.97
N GLN C 104 -9.83 5.63 -16.16
CA GLN C 104 -10.75 4.57 -15.82
C GLN C 104 -12.20 5.05 -15.89
N TRP C 105 -12.96 4.45 -16.80
CA TRP C 105 -14.35 4.79 -17.02
C TRP C 105 -14.49 6.28 -17.28
N PHE C 106 -13.72 6.71 -18.26
CA PHE C 106 -13.70 8.09 -18.71
C PHE C 106 -13.41 9.07 -17.60
N GLY C 107 -12.83 8.56 -16.52
CA GLY C 107 -12.51 9.44 -15.42
C GLY C 107 -11.33 9.06 -14.58
N VAL C 108 -11.30 9.64 -13.38
CA VAL C 108 -10.26 9.44 -12.39
C VAL C 108 -10.56 8.19 -11.56
N PRO C 109 -9.52 7.55 -11.00
CA PRO C 109 -9.75 6.34 -10.20
C PRO C 109 -10.54 6.56 -8.93
N ALA C 110 -11.41 5.60 -8.61
CA ALA C 110 -12.25 5.68 -7.43
C ALA C 110 -11.45 6.22 -6.25
N ILE C 111 -10.35 5.57 -5.94
CA ILE C 111 -9.52 6.00 -4.82
C ILE C 111 -9.04 7.44 -4.96
N LEU C 112 -8.81 7.90 -6.19
CA LEU C 112 -8.35 9.26 -6.38
C LEU C 112 -9.52 10.21 -6.14
N LYS C 113 -10.66 9.92 -6.76
CA LYS C 113 -11.86 10.75 -6.62
C LYS C 113 -12.08 11.00 -5.12
N GLY C 114 -12.02 9.93 -4.34
CA GLY C 114 -12.21 10.04 -2.90
C GLY C 114 -11.27 11.04 -2.25
N TRP C 115 -10.02 11.05 -2.70
CA TRP C 115 -9.04 11.97 -2.17
C TRP C 115 -9.55 13.38 -2.39
N PHE C 116 -10.12 13.62 -3.57
CA PHE C 116 -10.67 14.92 -3.94
C PHE C 116 -11.78 15.28 -2.97
N GLU C 117 -12.78 14.41 -2.96
CA GLU C 117 -13.96 14.54 -2.13
C GLU C 117 -13.67 14.67 -0.64
N ARG C 118 -12.54 14.12 -0.19
CA ARG C 118 -12.18 14.18 1.24
C ARG C 118 -11.13 15.23 1.60
N VAL C 119 -10.12 15.41 0.75
CA VAL C 119 -9.08 16.39 1.03
C VAL C 119 -9.48 17.82 0.68
N LEU C 120 -10.04 18.04 -0.50
CA LEU C 120 -10.44 19.38 -0.92
C LEU C 120 -11.65 19.87 -0.16
N VAL C 121 -11.41 20.29 1.08
CA VAL C 121 -12.46 20.80 1.96
C VAL C 121 -12.81 22.26 1.68
N ALA C 122 -14.09 22.59 1.86
CA ALA C 122 -14.55 23.96 1.66
C ALA C 122 -13.94 24.78 2.78
N GLY C 123 -13.42 25.95 2.42
CA GLY C 123 -12.79 26.81 3.41
C GLY C 123 -11.28 26.73 3.27
N PHE C 124 -10.81 25.59 2.79
CA PHE C 124 -9.38 25.36 2.59
C PHE C 124 -9.14 25.34 1.10
N ALA C 125 -9.84 24.43 0.41
CA ALA C 125 -9.70 24.26 -1.03
C ALA C 125 -10.47 25.26 -1.88
N TYR C 126 -11.60 25.72 -1.37
CA TYR C 126 -12.44 26.66 -2.12
C TYR C 126 -13.48 27.35 -1.25
N THR C 127 -14.11 28.37 -1.82
CA THR C 127 -15.16 29.13 -1.15
C THR C 127 -16.00 29.83 -2.22
N TYR C 128 -17.31 29.92 -2.03
CA TYR C 128 -18.15 30.57 -3.03
C TYR C 128 -17.62 31.95 -3.33
N ALA C 129 -16.89 32.50 -2.37
CA ALA C 129 -16.28 33.82 -2.53
C ALA C 129 -15.01 33.65 -3.36
N ALA C 130 -14.23 32.62 -3.02
CA ALA C 130 -12.97 32.33 -3.70
C ALA C 130 -13.08 31.13 -4.64
N MET C 131 -13.56 31.37 -5.86
CA MET C 131 -13.69 30.31 -6.86
C MET C 131 -12.80 30.60 -8.05
N TYR C 132 -12.55 29.57 -8.83
CA TYR C 132 -11.73 29.69 -10.03
C TYR C 132 -10.53 30.63 -9.87
N ASP C 133 -10.33 31.60 -10.77
CA ASP C 133 -9.14 32.45 -10.62
C ASP C 133 -9.02 33.24 -9.31
N ASN C 134 -9.92 32.96 -8.37
CA ASN C 134 -9.89 33.60 -7.05
C ASN C 134 -9.59 32.51 -6.04
N GLY C 135 -9.60 31.27 -6.52
CA GLY C 135 -9.33 30.13 -5.66
C GLY C 135 -8.08 30.26 -4.81
N PRO C 136 -8.04 29.56 -3.68
CA PRO C 136 -6.90 29.61 -2.76
C PRO C 136 -5.60 29.13 -3.40
N PHE C 137 -5.70 28.18 -4.32
CA PHE C 137 -4.52 27.58 -4.97
C PHE C 137 -3.98 28.26 -6.20
N GLN C 138 -4.47 29.45 -6.50
CA GLN C 138 -4.05 30.19 -7.69
C GLN C 138 -2.55 30.35 -7.86
N ASN C 139 -1.79 30.13 -6.79
CA ASN C 139 -0.34 30.25 -6.85
C ASN C 139 0.33 28.90 -7.16
N LYS C 140 -0.46 27.83 -7.09
CA LYS C 140 0.07 26.50 -7.37
C LYS C 140 -0.31 26.09 -8.78
N LYS C 141 0.47 25.19 -9.36
CA LYS C 141 0.23 24.70 -10.70
C LYS C 141 -0.01 23.21 -10.65
N THR C 142 -0.88 22.71 -11.53
CA THR C 142 -1.17 21.28 -11.55
C THR C 142 -1.35 20.77 -12.97
N LEU C 143 -1.16 19.47 -13.14
CA LEU C 143 -1.34 18.88 -14.45
C LEU C 143 -1.72 17.41 -14.23
N LEU C 144 -2.28 16.78 -15.27
CA LEU C 144 -2.68 15.40 -15.19
C LEU C 144 -1.87 14.54 -16.16
N SER C 145 -1.34 13.45 -15.63
CA SER C 145 -0.56 12.50 -16.41
C SER C 145 -1.46 11.27 -16.47
N ILE C 146 -2.02 11.01 -17.63
CA ILE C 146 -2.94 9.88 -17.78
C ILE C 146 -2.45 8.78 -18.69
N THR C 147 -2.93 7.58 -18.40
CA THR C 147 -2.58 6.42 -19.19
C THR C 147 -3.90 5.84 -19.68
N THR C 148 -4.03 5.71 -20.99
CA THR C 148 -5.25 5.19 -21.56
C THR C 148 -5.06 3.79 -22.13
N GLY C 149 -6.11 2.97 -22.03
CA GLY C 149 -6.05 1.63 -22.58
C GLY C 149 -6.35 1.70 -24.08
N GLY C 150 -7.35 2.50 -24.44
CA GLY C 150 -7.72 2.66 -25.84
C GLY C 150 -6.69 3.43 -26.64
N SER C 151 -6.92 3.59 -27.95
CA SER C 151 -5.97 4.30 -28.80
C SER C 151 -6.31 5.76 -29.01
N GLY C 152 -5.29 6.55 -29.34
CA GLY C 152 -5.48 7.97 -29.54
C GLY C 152 -6.63 8.33 -30.46
N SER C 153 -6.74 7.59 -31.55
CA SER C 153 -7.80 7.81 -32.53
C SER C 153 -9.19 7.68 -31.92
N MET C 154 -9.34 6.73 -31.01
CA MET C 154 -10.62 6.51 -30.34
C MET C 154 -11.16 7.76 -29.67
N TYR C 155 -10.27 8.69 -29.32
CA TYR C 155 -10.68 9.92 -28.64
C TYR C 155 -10.72 11.14 -29.54
N SER C 156 -10.32 10.98 -30.80
CA SER C 156 -10.34 12.10 -31.76
C SER C 156 -11.78 12.53 -31.96
N LEU C 157 -11.97 13.64 -32.66
CA LEU C 157 -13.33 14.14 -32.90
C LEU C 157 -14.18 13.09 -33.62
N GLN C 158 -13.57 12.34 -34.54
CA GLN C 158 -14.28 11.31 -35.29
C GLN C 158 -14.09 9.93 -34.68
N GLY C 159 -13.73 9.89 -33.41
CA GLY C 159 -13.51 8.61 -32.76
C GLY C 159 -14.75 8.10 -32.08
N VAL C 160 -14.75 6.82 -31.75
CA VAL C 160 -15.88 6.21 -31.07
C VAL C 160 -16.26 6.96 -29.79
N HIS C 161 -15.32 7.03 -28.85
CA HIS C 161 -15.53 7.69 -27.57
C HIS C 161 -15.79 9.20 -27.57
N GLY C 162 -15.31 9.89 -28.61
CA GLY C 162 -15.54 11.32 -28.69
C GLY C 162 -14.41 12.19 -28.18
N ASP C 163 -14.53 13.48 -28.43
CA ASP C 163 -13.53 14.48 -28.03
C ASP C 163 -12.98 14.27 -26.63
N MET C 164 -11.66 14.18 -26.55
CA MET C 164 -10.99 13.96 -25.28
C MET C 164 -11.15 15.19 -24.41
N ASN C 165 -11.16 16.37 -25.03
CA ASN C 165 -11.30 17.60 -24.27
C ASN C 165 -12.52 17.59 -23.36
N VAL C 166 -13.63 17.05 -23.85
CA VAL C 166 -14.86 16.99 -23.06
C VAL C 166 -14.62 16.23 -21.79
N ILE C 167 -13.96 15.08 -21.93
CA ILE C 167 -13.63 14.18 -20.82
C ILE C 167 -12.82 14.86 -19.72
N LEU C 168 -11.78 15.58 -20.12
CA LEU C 168 -10.94 16.28 -19.15
C LEU C 168 -11.62 17.45 -18.46
N TRP C 169 -12.45 18.17 -19.19
CA TRP C 169 -13.15 19.35 -18.68
C TRP C 169 -13.62 19.27 -17.23
N PRO C 170 -14.44 18.26 -16.90
CA PRO C 170 -14.95 18.09 -15.53
C PRO C 170 -13.82 18.05 -14.49
N ILE C 171 -12.72 17.44 -14.87
CA ILE C 171 -11.60 17.31 -13.98
C ILE C 171 -10.79 18.59 -13.88
N GLN C 172 -10.40 19.10 -15.03
CA GLN C 172 -9.54 20.28 -15.07
C GLN C 172 -10.20 21.59 -14.70
N SER C 173 -11.39 21.85 -15.22
CA SER C 173 -12.08 23.08 -14.91
C SER C 173 -12.93 22.87 -13.67
N GLY C 174 -13.58 21.71 -13.61
CA GLY C 174 -14.45 21.43 -12.49
C GLY C 174 -13.83 21.29 -11.13
N ILE C 175 -12.68 20.66 -11.04
CA ILE C 175 -12.02 20.46 -9.75
C ILE C 175 -10.81 21.35 -9.52
N LEU C 176 -9.88 21.30 -10.47
CA LEU C 176 -8.65 22.06 -10.37
C LEU C 176 -8.79 23.55 -10.65
N ARG C 177 -9.48 23.91 -11.72
CA ARG C 177 -9.61 25.34 -11.96
C ARG C 177 -10.45 25.92 -10.84
N PHE C 178 -11.47 25.17 -10.47
CA PHE C 178 -12.39 25.58 -9.43
C PHE C 178 -11.66 26.08 -8.22
N CYS C 179 -10.77 25.22 -7.70
CA CYS C 179 -9.99 25.51 -6.52
C CYS C 179 -8.94 26.61 -6.65
N GLY C 180 -8.64 27.02 -7.89
CA GLY C 180 -7.69 28.09 -8.10
C GLY C 180 -6.48 27.74 -8.92
N PHE C 181 -6.16 26.44 -9.02
CA PHE C 181 -5.00 25.95 -9.77
C PHE C 181 -4.83 26.47 -11.19
N GLN C 182 -3.57 26.48 -11.63
CA GLN C 182 -3.21 26.86 -12.99
C GLN C 182 -3.07 25.48 -13.61
N VAL C 183 -3.96 25.12 -14.52
CA VAL C 183 -3.90 23.81 -15.15
C VAL C 183 -3.00 23.79 -16.38
N LEU C 184 -1.90 23.05 -16.29
CA LEU C 184 -0.99 22.96 -17.42
C LEU C 184 -1.45 21.86 -18.37
N GLU C 185 -0.80 21.76 -19.53
CA GLU C 185 -1.18 20.74 -20.50
C GLU C 185 -1.05 19.32 -19.92
N PRO C 186 -2.08 18.50 -20.14
CA PRO C 186 -2.08 17.12 -19.63
C PRO C 186 -1.13 16.18 -20.39
N GLN C 187 -0.46 15.31 -19.65
CA GLN C 187 0.47 14.34 -20.23
C GLN C 187 -0.32 13.10 -20.63
N LEU C 188 -0.69 13.03 -21.91
CA LEU C 188 -1.49 11.93 -22.43
C LEU C 188 -0.70 10.80 -23.09
N VAL C 189 -0.86 9.60 -22.54
CA VAL C 189 -0.20 8.41 -23.07
C VAL C 189 -1.27 7.43 -23.48
N TYR C 190 -1.47 7.25 -24.78
CA TYR C 190 -2.50 6.35 -25.23
C TYR C 190 -2.01 4.94 -25.40
N SER C 191 -2.86 3.98 -25.01
CA SER C 191 -2.58 2.56 -25.12
C SER C 191 -1.11 2.17 -25.01
N ILE C 192 -0.63 1.92 -23.79
CA ILE C 192 0.75 1.53 -23.63
C ILE C 192 0.81 0.01 -23.68
N GLY C 193 -0.36 -0.62 -23.75
CA GLY C 193 -0.41 -2.06 -23.85
C GLY C 193 -0.07 -2.45 -25.27
N HIS C 194 -0.07 -1.46 -26.15
CA HIS C 194 0.26 -1.69 -27.55
C HIS C 194 1.57 -1.04 -27.96
N THR C 195 1.95 0.05 -27.31
CA THR C 195 3.22 0.68 -27.65
C THR C 195 4.32 -0.33 -27.34
N PRO C 196 5.35 -0.39 -28.19
CA PRO C 196 6.47 -1.32 -28.01
C PRO C 196 7.44 -0.82 -26.94
N PRO C 197 8.39 -1.68 -26.51
CA PRO C 197 9.41 -1.38 -25.48
C PRO C 197 10.18 -0.07 -25.72
N ASP C 198 10.57 0.20 -26.95
CA ASP C 198 11.27 1.43 -27.29
C ASP C 198 10.43 2.63 -26.86
N ALA C 199 9.38 2.89 -27.64
CA ALA C 199 8.49 4.00 -27.38
C ALA C 199 8.31 4.29 -25.91
N ARG C 200 8.06 3.23 -25.14
CA ARG C 200 7.83 3.37 -23.70
C ARG C 200 8.97 4.13 -23.03
N MET C 201 10.19 3.78 -23.41
CA MET C 201 11.35 4.45 -22.84
C MET C 201 11.33 5.90 -23.32
N GLN C 202 11.27 6.11 -24.63
CA GLN C 202 11.25 7.47 -25.16
C GLN C 202 10.13 8.29 -24.53
N ILE C 203 9.03 7.66 -24.16
CA ILE C 203 7.92 8.36 -23.54
C ILE C 203 8.37 8.81 -22.15
N LEU C 204 9.08 7.93 -21.44
CA LEU C 204 9.57 8.25 -20.09
C LEU C 204 10.65 9.30 -20.19
N GLU C 205 11.38 9.30 -21.28
CA GLU C 205 12.43 10.27 -21.48
C GLU C 205 11.79 11.61 -21.75
N GLY C 206 10.76 11.61 -22.60
CA GLY C 206 10.06 12.84 -22.93
C GLY C 206 9.50 13.44 -21.66
N TRP C 207 8.90 12.58 -20.85
CA TRP C 207 8.32 12.99 -19.59
C TRP C 207 9.40 13.73 -18.82
N LYS C 208 10.47 13.03 -18.50
CA LYS C 208 11.57 13.59 -17.76
C LYS C 208 11.97 14.95 -18.28
N LYS C 209 12.24 15.01 -19.57
CA LYS C 209 12.64 16.26 -20.17
C LYS C 209 11.59 17.38 -20.04
N ARG C 210 10.32 17.03 -20.23
CA ARG C 210 9.28 18.06 -20.11
C ARG C 210 9.26 18.69 -18.71
N LEU C 211 9.67 17.93 -17.71
CA LEU C 211 9.66 18.42 -16.34
C LEU C 211 10.79 19.39 -16.04
N GLU C 212 11.80 19.40 -16.88
CA GLU C 212 12.90 20.33 -16.68
C GLU C 212 12.42 21.77 -16.81
N THR C 213 11.25 21.94 -17.42
CA THR C 213 10.70 23.27 -17.64
C THR C 213 9.18 23.35 -17.43
N VAL C 214 8.64 22.56 -16.51
CA VAL C 214 7.20 22.60 -16.27
C VAL C 214 6.78 23.95 -15.74
N TRP C 215 7.52 24.46 -14.76
CA TRP C 215 7.19 25.72 -14.13
C TRP C 215 7.16 26.92 -15.04
N GLU C 216 7.67 26.77 -16.27
CA GLU C 216 7.72 27.86 -17.23
C GLU C 216 6.69 27.77 -18.36
N GLU C 217 5.87 26.72 -18.37
CA GLU C 217 4.88 26.56 -19.42
C GLU C 217 3.67 27.45 -19.15
N THR C 218 2.90 27.73 -20.19
CA THR C 218 1.71 28.55 -20.06
C THR C 218 0.56 27.59 -19.74
N PRO C 219 -0.37 28.03 -18.91
CA PRO C 219 -1.53 27.21 -18.50
C PRO C 219 -2.60 27.14 -19.55
N LEU C 220 -3.54 26.23 -19.34
CA LEU C 220 -4.63 26.08 -20.28
C LEU C 220 -5.54 27.29 -20.10
N TYR C 221 -6.31 27.62 -21.14
CA TYR C 221 -7.23 28.75 -21.09
C TYR C 221 -8.61 28.40 -20.59
N PHE C 222 -9.02 29.02 -19.48
CA PHE C 222 -10.33 28.82 -18.93
C PHE C 222 -10.97 30.20 -18.90
N ALA C 223 -12.27 30.28 -19.13
CA ALA C 223 -12.97 31.56 -19.15
C ALA C 223 -12.77 32.24 -17.80
N PRO C 224 -12.21 33.47 -17.79
CA PRO C 224 -11.97 34.23 -16.56
C PRO C 224 -13.26 34.61 -15.84
N SER C 225 -13.21 34.60 -14.50
CA SER C 225 -14.37 34.94 -13.69
C SER C 225 -14.91 36.31 -13.96
N SER C 226 -14.05 37.22 -14.42
CA SER C 226 -14.48 38.58 -14.71
C SER C 226 -15.69 38.62 -15.60
N LEU C 227 -15.83 37.62 -16.46
CA LEU C 227 -16.96 37.56 -17.37
C LEU C 227 -18.29 37.26 -16.67
N PHE C 228 -18.26 37.07 -15.35
CA PHE C 228 -19.49 36.74 -14.61
C PHE C 228 -19.87 37.60 -13.42
N ASP C 229 -21.18 37.66 -13.18
CA ASP C 229 -21.73 38.39 -12.04
C ASP C 229 -21.78 37.35 -10.93
N LEU C 230 -20.64 37.13 -10.27
CA LEU C 230 -20.53 36.16 -9.21
C LEU C 230 -21.28 36.51 -7.93
N ASN C 231 -22.59 36.38 -7.98
CA ASN C 231 -23.42 36.65 -6.81
C ASN C 231 -24.74 35.89 -6.94
N PHE C 232 -25.27 35.45 -5.79
CA PHE C 232 -26.53 34.71 -5.76
C PHE C 232 -27.68 35.52 -6.33
N GLN C 233 -27.41 36.79 -6.57
CA GLN C 233 -28.39 37.71 -7.13
C GLN C 233 -28.56 37.44 -8.63
N ALA C 234 -27.48 37.62 -9.38
CA ALA C 234 -27.46 37.42 -10.80
C ALA C 234 -27.52 35.95 -11.16
N GLY C 235 -27.12 35.08 -10.23
CA GLY C 235 -27.15 33.66 -10.49
C GLY C 235 -25.84 33.18 -11.12
N PHE C 236 -24.80 33.97 -10.93
CA PHE C 236 -23.49 33.62 -11.48
C PHE C 236 -23.57 33.43 -13.00
N LEU C 237 -24.08 34.44 -13.69
CA LEU C 237 -24.20 34.36 -15.14
C LEU C 237 -23.18 35.24 -15.85
N LEU C 238 -22.91 34.88 -17.10
CA LEU C 238 -21.98 35.63 -17.94
C LEU C 238 -22.65 37.03 -18.06
N MET C 239 -21.92 38.06 -17.65
CA MET C 239 -22.42 39.42 -17.70
C MET C 239 -23.05 39.80 -19.03
N LYS C 240 -24.17 40.49 -18.97
CA LYS C 240 -24.91 40.91 -20.15
C LYS C 240 -24.03 41.53 -21.22
N GLU C 241 -23.15 42.44 -20.81
CA GLU C 241 -22.24 43.10 -21.75
C GLU C 241 -21.39 42.02 -22.42
N VAL C 242 -20.75 41.19 -21.62
CA VAL C 242 -19.91 40.12 -22.14
C VAL C 242 -20.69 39.23 -23.11
N GLN C 243 -21.97 39.01 -22.81
CA GLN C 243 -22.79 38.19 -23.70
C GLN C 243 -22.92 38.99 -24.97
N GLU C 244 -23.23 40.28 -24.79
CA GLU C 244 -23.38 41.22 -25.89
C GLU C 244 -22.23 41.06 -26.85
N GLU C 245 -21.04 41.41 -26.38
CA GLU C 245 -19.82 41.32 -27.18
C GLU C 245 -19.63 39.94 -27.78
N GLN C 246 -19.63 38.93 -26.92
CA GLN C 246 -19.43 37.53 -27.32
C GLN C 246 -20.29 37.09 -28.50
N LYS C 247 -21.36 37.85 -28.75
CA LYS C 247 -22.28 37.57 -29.85
C LYS C 247 -21.55 37.67 -31.20
N LYS C 248 -20.54 38.54 -31.27
CA LYS C 248 -19.77 38.75 -32.49
C LYS C 248 -18.67 37.70 -32.68
N ASN C 249 -18.52 36.81 -31.71
CA ASN C 249 -17.48 35.78 -31.77
C ASN C 249 -18.07 34.52 -32.38
N LYS C 250 -17.35 33.91 -33.30
CA LYS C 250 -17.79 32.69 -33.95
C LYS C 250 -17.58 31.45 -33.07
N PHE C 251 -16.50 31.48 -32.28
CA PHE C 251 -16.16 30.38 -31.39
C PHE C 251 -16.59 30.62 -29.96
N GLY C 252 -16.75 29.53 -29.22
CA GLY C 252 -17.12 29.63 -27.81
C GLY C 252 -15.81 29.92 -27.10
N LEU C 253 -15.83 29.92 -25.78
CA LEU C 253 -14.63 30.21 -25.01
C LEU C 253 -13.87 28.95 -24.65
N SER C 254 -14.55 28.10 -23.91
CA SER C 254 -14.00 26.84 -23.45
C SER C 254 -15.02 25.74 -23.70
N VAL C 255 -14.61 24.50 -23.47
CA VAL C 255 -15.48 23.35 -23.65
C VAL C 255 -16.82 23.52 -22.93
N GLY C 256 -16.76 23.89 -21.65
CA GLY C 256 -17.98 24.07 -20.86
C GLY C 256 -18.75 25.33 -21.24
N HIS C 257 -18.02 26.33 -21.73
CA HIS C 257 -18.60 27.60 -22.16
C HIS C 257 -18.54 27.68 -23.67
N HIS C 258 -19.13 26.69 -24.34
CA HIS C 258 -19.13 26.66 -25.80
C HIS C 258 -20.16 27.67 -26.29
N LEU C 259 -20.97 28.15 -25.34
CA LEU C 259 -22.02 29.14 -25.60
C LEU C 259 -22.82 28.81 -26.85
N GLY C 260 -22.96 27.52 -27.14
CA GLY C 260 -23.72 27.07 -28.29
C GLY C 260 -22.96 27.17 -29.59
N LYS C 261 -21.78 27.78 -29.56
CA LYS C 261 -21.01 27.91 -30.77
C LYS C 261 -20.05 26.73 -30.88
N SER C 262 -19.16 26.79 -31.87
CA SER C 262 -18.19 25.74 -32.06
C SER C 262 -17.13 25.82 -30.98
N ILE C 263 -16.77 24.68 -30.40
CA ILE C 263 -15.76 24.64 -29.35
C ILE C 263 -14.37 24.85 -29.95
N PRO C 264 -13.62 25.83 -29.42
CA PRO C 264 -12.27 26.18 -29.85
C PRO C 264 -11.47 25.07 -30.52
N ALA C 265 -10.71 24.33 -29.74
CA ALA C 265 -9.90 23.24 -30.29
C ALA C 265 -9.44 22.44 -29.10
N ASP C 266 -8.14 22.20 -29.02
CA ASP C 266 -7.62 21.47 -27.89
C ASP C 266 -7.51 22.41 -26.70
N ASN C 267 -8.61 23.12 -26.43
CA ASN C 267 -8.71 24.07 -25.31
C ASN C 267 -8.31 23.34 -24.03
N GLN C 268 -8.61 22.05 -23.96
CA GLN C 268 -8.30 21.24 -22.79
C GLN C 268 -7.06 20.36 -22.96
N ILE C 269 -6.52 20.30 -24.18
CA ILE C 269 -5.36 19.48 -24.44
C ILE C 269 -4.10 20.28 -24.71
N LYS C 270 -4.22 21.40 -25.41
CA LYS C 270 -3.04 22.21 -25.69
C LYS C 270 -3.19 23.64 -25.19
N ALA C 271 -2.16 24.13 -24.50
CA ALA C 271 -2.14 25.47 -23.94
C ALA C 271 -1.59 26.47 -24.94
N ARG C 272 -2.48 27.31 -25.45
CA ARG C 272 -2.17 28.34 -26.44
C ARG C 272 -3.54 28.92 -26.84
N LYS C 273 -3.54 29.77 -27.87
CA LYS C 273 -4.79 30.36 -28.35
C LYS C 273 -4.58 31.02 -29.72
N ALA D 1 10.30 -44.88 6.40
CA ALA D 1 10.73 -43.76 7.29
C ALA D 1 10.96 -42.47 6.49
N ALA D 2 11.51 -42.63 5.29
CA ALA D 2 11.82 -41.54 4.39
C ALA D 2 10.69 -41.23 3.38
N ARG D 3 10.51 -39.94 3.08
CA ARG D 3 9.48 -39.53 2.12
C ARG D 3 9.70 -38.17 1.46
N ARG D 4 8.84 -37.20 1.82
CA ARG D 4 8.91 -35.86 1.25
C ARG D 4 9.70 -34.88 2.10
N ALA D 5 10.46 -34.04 1.42
CA ALA D 5 11.28 -33.02 2.06
C ALA D 5 11.18 -31.71 1.31
N LEU D 6 11.12 -30.61 2.05
CA LEU D 6 11.03 -29.30 1.43
C LEU D 6 12.33 -28.54 1.64
N ILE D 7 12.85 -27.95 0.57
CA ILE D 7 14.08 -27.17 0.70
C ILE D 7 13.80 -25.74 0.29
N VAL D 8 13.90 -24.84 1.27
CA VAL D 8 13.67 -23.43 1.02
C VAL D 8 15.02 -22.73 0.92
N LEU D 9 15.26 -22.11 -0.23
CA LEU D 9 16.50 -21.42 -0.48
C LEU D 9 16.29 -19.91 -0.58
N ALA D 10 17.16 -19.15 0.09
CA ALA D 10 17.09 -17.70 0.08
C ALA D 10 18.40 -17.13 -0.44
N HIS D 11 18.56 -17.20 -1.77
CA HIS D 11 19.77 -16.68 -2.39
C HIS D 11 19.50 -16.41 -3.87
N SER D 12 19.85 -15.19 -4.28
CA SER D 12 19.66 -14.73 -5.65
C SER D 12 20.57 -15.32 -6.70
N GLU D 13 21.80 -15.67 -6.32
CA GLU D 13 22.77 -16.22 -7.27
C GLU D 13 22.85 -17.74 -7.36
N LYS D 14 22.87 -18.24 -8.58
CA LYS D 14 22.97 -19.67 -8.83
C LYS D 14 24.43 -20.06 -8.76
N THR D 15 25.31 -19.08 -8.63
CA THR D 15 26.74 -19.34 -8.57
C THR D 15 27.26 -19.30 -7.15
N SER D 16 26.35 -19.25 -6.18
CA SER D 16 26.78 -19.18 -4.79
C SER D 16 26.92 -20.55 -4.19
N PHE D 17 27.64 -20.60 -3.07
CA PHE D 17 27.86 -21.85 -2.35
C PHE D 17 26.53 -22.29 -1.79
N ASN D 18 25.71 -21.30 -1.44
CA ASN D 18 24.39 -21.59 -0.91
C ASN D 18 23.58 -22.37 -1.93
N TYR D 19 23.82 -22.09 -3.21
CA TYR D 19 23.09 -22.79 -4.25
C TYR D 19 23.64 -24.19 -4.37
N ALA D 20 24.95 -24.27 -4.22
CA ALA D 20 25.63 -25.55 -4.28
C ALA D 20 25.03 -26.41 -3.16
N MET D 21 25.12 -25.91 -1.94
CA MET D 21 24.58 -26.60 -0.78
C MET D 21 23.15 -27.02 -1.03
N LYS D 22 22.47 -26.31 -1.93
CA LYS D 22 21.09 -26.62 -2.25
C LYS D 22 21.03 -27.89 -3.10
N GLU D 23 21.70 -27.86 -4.24
CA GLU D 23 21.70 -29.01 -5.14
C GLU D 23 22.21 -30.24 -4.43
N ALA D 24 23.27 -30.07 -3.67
CA ALA D 24 23.87 -31.17 -2.92
C ALA D 24 22.78 -31.92 -2.16
N ALA D 25 22.09 -31.22 -1.27
CA ALA D 25 21.01 -31.83 -0.48
C ALA D 25 19.99 -32.52 -1.38
N VAL D 26 19.47 -31.80 -2.37
CA VAL D 26 18.51 -32.36 -3.32
C VAL D 26 19.05 -33.68 -3.87
N GLU D 27 20.23 -33.60 -4.50
CA GLU D 27 20.86 -34.77 -5.07
C GLU D 27 20.95 -35.90 -4.04
N ALA D 28 21.40 -35.56 -2.84
CA ALA D 28 21.54 -36.53 -1.78
C ALA D 28 20.22 -37.20 -1.40
N LEU D 29 19.24 -36.41 -0.96
CA LEU D 29 17.94 -36.97 -0.56
C LEU D 29 17.33 -37.83 -1.66
N LYS D 30 17.45 -37.40 -2.91
CA LYS D 30 16.92 -38.15 -4.03
C LYS D 30 17.52 -39.56 -4.09
N LYS D 31 18.83 -39.67 -3.95
CA LYS D 31 19.50 -40.98 -3.99
C LYS D 31 18.91 -41.92 -2.94
N ARG D 32 18.62 -41.38 -1.76
CA ARG D 32 18.05 -42.15 -0.68
C ARG D 32 16.54 -42.32 -0.87
N GLY D 33 16.09 -42.14 -2.12
CA GLY D 33 14.69 -42.31 -2.46
C GLY D 33 13.69 -41.31 -1.92
N TRP D 34 14.16 -40.12 -1.52
CA TRP D 34 13.25 -39.10 -0.99
C TRP D 34 12.51 -38.43 -2.14
N GLU D 35 11.59 -37.54 -1.80
CA GLU D 35 10.85 -36.79 -2.80
C GLU D 35 11.05 -35.33 -2.41
N VAL D 36 11.85 -34.62 -3.19
CA VAL D 36 12.18 -33.23 -2.87
C VAL D 36 11.31 -32.16 -3.52
N LEU D 37 10.86 -31.22 -2.68
CA LEU D 37 10.05 -30.08 -3.08
C LEU D 37 10.90 -28.85 -2.84
N GLU D 38 10.86 -27.89 -3.75
CA GLU D 38 11.68 -26.69 -3.58
C GLU D 38 10.94 -25.35 -3.65
N SER D 39 11.40 -24.41 -2.85
CA SER D 39 10.85 -23.07 -2.82
C SER D 39 12.02 -22.09 -2.95
N ASP D 40 12.59 -21.99 -4.15
CA ASP D 40 13.67 -21.05 -4.33
C ASP D 40 13.00 -19.70 -4.38
N LEU D 41 12.93 -19.06 -3.22
CA LEU D 41 12.25 -17.77 -3.09
C LEU D 41 12.67 -16.70 -4.07
N TYR D 42 13.97 -16.49 -4.24
CA TYR D 42 14.44 -15.47 -5.19
C TYR D 42 14.00 -15.83 -6.62
N ALA D 43 14.10 -17.11 -6.95
CA ALA D 43 13.70 -17.59 -8.27
C ALA D 43 12.22 -17.34 -8.45
N MET D 44 11.41 -17.96 -7.59
CA MET D 44 9.97 -17.80 -7.66
C MET D 44 9.57 -16.34 -7.66
N ASN D 45 10.53 -15.46 -7.34
CA ASN D 45 10.24 -14.05 -7.25
C ASN D 45 9.16 -13.90 -6.20
N PHE D 46 9.23 -14.76 -5.19
CA PHE D 46 8.29 -14.75 -4.09
C PHE D 46 8.17 -13.37 -3.46
N ASN D 47 6.96 -13.06 -3.04
CA ASN D 47 6.66 -11.78 -2.40
C ASN D 47 6.84 -11.89 -0.90
N PRO D 48 7.78 -11.12 -0.34
CA PRO D 48 8.10 -11.07 1.09
C PRO D 48 7.18 -10.18 1.95
N ILE D 49 6.76 -9.05 1.41
CA ILE D 49 5.90 -8.11 2.16
C ILE D 49 4.49 -8.59 2.42
N ILE D 50 4.06 -8.36 3.66
CA ILE D 50 2.74 -8.76 4.13
C ILE D 50 1.80 -7.58 4.04
N SER D 51 0.61 -7.81 3.46
CA SER D 51 -0.40 -6.76 3.29
C SER D 51 -1.80 -7.35 3.06
N ARG D 52 -2.80 -6.49 3.00
CA ARG D 52 -4.16 -6.95 2.81
C ARG D 52 -4.42 -7.56 1.43
N ASN D 53 -3.36 -7.92 0.73
CA ASN D 53 -3.50 -8.52 -0.59
C ASN D 53 -3.42 -10.02 -0.45
N ASP D 54 -2.92 -10.46 0.71
CA ASP D 54 -2.78 -11.88 0.98
C ASP D 54 -4.15 -12.51 1.14
N ILE D 55 -5.18 -11.66 1.20
CA ILE D 55 -6.56 -12.14 1.37
C ILE D 55 -7.43 -11.92 0.14
N THR D 56 -8.35 -12.86 -0.09
CA THR D 56 -9.28 -12.80 -1.22
C THR D 56 -10.71 -12.53 -0.73
N GLY D 57 -11.51 -11.85 -1.55
CA GLY D 57 -12.89 -11.56 -1.17
C GLY D 57 -13.09 -10.50 -0.09
N GLU D 58 -14.30 -10.43 0.46
CA GLU D 58 -14.63 -9.45 1.51
C GLU D 58 -13.71 -9.52 2.73
N LEU D 59 -13.08 -8.38 3.02
CA LEU D 59 -12.15 -8.26 4.13
C LEU D 59 -12.78 -8.18 5.52
N LYS D 60 -14.01 -8.68 5.69
CA LYS D 60 -14.67 -8.62 7.00
C LYS D 60 -14.72 -7.16 7.47
N ASP D 61 -13.66 -6.74 8.18
CA ASP D 61 -13.60 -5.36 8.63
C ASP D 61 -12.40 -4.63 8.04
N SER D 62 -12.60 -4.09 6.84
CA SER D 62 -11.55 -3.35 6.15
C SER D 62 -11.46 -1.92 6.64
N LYS D 63 -11.95 -1.67 7.85
CA LYS D 63 -11.89 -0.34 8.44
C LYS D 63 -10.68 -0.30 9.38
N ASN D 64 -10.78 -1.01 10.50
CA ASN D 64 -9.70 -1.09 11.48
C ASN D 64 -8.95 -2.37 11.14
N PHE D 65 -8.43 -2.44 9.91
CA PHE D 65 -7.70 -3.62 9.45
C PHE D 65 -6.63 -4.13 10.42
N GLN D 66 -6.69 -5.43 10.69
CA GLN D 66 -5.75 -6.11 11.58
C GLN D 66 -5.33 -7.42 10.91
N TYR D 67 -4.07 -7.51 10.51
CA TYR D 67 -3.61 -8.70 9.81
C TYR D 67 -3.70 -10.05 10.52
N PRO D 68 -3.42 -10.11 11.84
CA PRO D 68 -3.52 -11.43 12.48
C PRO D 68 -4.89 -12.07 12.34
N SER D 69 -5.91 -11.31 12.69
CA SER D 69 -7.29 -11.78 12.61
C SER D 69 -7.79 -11.96 11.17
N GLU D 70 -7.61 -10.94 10.35
CA GLU D 70 -8.04 -10.99 8.96
C GLU D 70 -7.50 -12.19 8.21
N SER D 71 -6.30 -12.63 8.57
CA SER D 71 -5.66 -13.73 7.87
C SER D 71 -6.00 -15.11 8.37
N SER D 72 -6.03 -15.30 9.68
CA SER D 72 -6.36 -16.63 10.20
C SER D 72 -7.79 -16.96 9.79
N LEU D 73 -8.58 -15.92 9.60
CA LEU D 73 -9.97 -16.10 9.21
C LEU D 73 -9.99 -16.39 7.72
N ALA D 74 -9.16 -15.71 6.95
CA ALA D 74 -9.11 -15.94 5.52
C ALA D 74 -8.64 -17.36 5.30
N TYR D 75 -7.81 -17.83 6.21
CA TYR D 75 -7.27 -19.18 6.14
C TYR D 75 -8.38 -20.22 6.20
N LYS D 76 -9.13 -20.19 7.30
CA LYS D 76 -10.24 -21.11 7.51
C LYS D 76 -11.28 -20.97 6.40
N GLU D 77 -11.46 -19.75 5.91
CA GLU D 77 -12.43 -19.53 4.85
C GLU D 77 -11.84 -19.77 3.48
N GLY D 78 -10.64 -20.35 3.49
CA GLY D 78 -9.95 -20.66 2.25
C GLY D 78 -9.77 -19.50 1.30
N ARG D 79 -9.80 -18.27 1.81
CA ARG D 79 -9.66 -17.09 0.99
C ARG D 79 -8.24 -16.51 1.03
N LEU D 80 -7.24 -17.38 1.08
CA LEU D 80 -5.88 -16.89 1.12
C LEU D 80 -5.25 -16.81 -0.26
N SER D 81 -4.39 -15.81 -0.43
CA SER D 81 -3.69 -15.57 -1.68
C SER D 81 -3.14 -16.92 -2.22
N PRO D 82 -3.27 -17.17 -3.53
CA PRO D 82 -2.81 -18.41 -4.17
C PRO D 82 -1.34 -18.78 -3.99
N ASP D 83 -0.48 -17.76 -3.97
CA ASP D 83 0.95 -18.01 -3.81
C ASP D 83 1.27 -18.47 -2.40
N ILE D 84 0.43 -18.06 -1.46
CA ILE D 84 0.64 -18.44 -0.08
C ILE D 84 0.11 -19.85 0.12
N VAL D 85 -0.94 -20.22 -0.60
CA VAL D 85 -1.47 -21.58 -0.50
C VAL D 85 -0.45 -22.54 -1.09
N ALA D 86 0.08 -22.19 -2.26
CA ALA D 86 1.07 -23.00 -2.93
C ALA D 86 2.05 -23.53 -1.90
N GLU D 87 2.55 -22.65 -1.05
CA GLU D 87 3.51 -23.06 -0.02
C GLU D 87 2.86 -24.02 0.95
N HIS D 88 1.71 -23.66 1.51
CA HIS D 88 1.03 -24.54 2.47
C HIS D 88 0.94 -25.98 1.97
N LYS D 89 0.61 -26.14 0.70
CA LYS D 89 0.50 -27.48 0.11
C LYS D 89 1.85 -28.20 0.26
N LYS D 90 2.94 -27.44 0.06
CA LYS D 90 4.29 -28.00 0.21
C LYS D 90 4.55 -28.40 1.66
N LEU D 91 4.37 -27.46 2.57
CA LEU D 91 4.58 -27.72 3.99
C LEU D 91 3.80 -28.91 4.47
N GLU D 92 2.54 -28.98 4.04
CA GLU D 92 1.68 -30.08 4.44
C GLU D 92 2.24 -31.45 4.04
N ALA D 93 2.93 -31.49 2.88
CA ALA D 93 3.52 -32.74 2.35
C ALA D 93 4.92 -33.05 2.87
N ALA D 94 5.75 -32.02 3.07
CA ALA D 94 7.12 -32.23 3.57
C ALA D 94 7.18 -32.84 4.98
N ASP D 95 8.10 -33.79 5.15
CA ASP D 95 8.30 -34.45 6.43
C ASP D 95 9.50 -33.78 7.07
N LEU D 96 10.37 -33.29 6.19
CA LEU D 96 11.59 -32.62 6.61
C LEU D 96 11.73 -31.31 5.86
N VAL D 97 11.76 -30.20 6.60
CA VAL D 97 11.91 -28.89 5.96
C VAL D 97 13.31 -28.36 6.23
N ILE D 98 14.04 -28.06 5.15
CA ILE D 98 15.41 -27.57 5.22
C ILE D 98 15.54 -26.14 4.72
N PHE D 99 16.12 -25.28 5.54
CA PHE D 99 16.29 -23.88 5.13
C PHE D 99 17.75 -23.57 4.85
N GLN D 100 18.04 -23.22 3.60
CA GLN D 100 19.40 -22.90 3.18
C GLN D 100 19.51 -21.41 2.97
N PHE D 101 20.46 -20.77 3.64
CA PHE D 101 20.64 -19.33 3.49
C PHE D 101 21.91 -18.78 4.14
N PRO D 102 22.38 -17.62 3.65
CA PRO D 102 23.57 -16.95 4.18
C PRO D 102 23.15 -16.08 5.35
N LEU D 103 23.84 -16.21 6.48
CA LEU D 103 23.50 -15.39 7.64
C LEU D 103 23.62 -13.93 7.21
N GLN D 104 22.57 -13.14 7.50
CA GLN D 104 22.55 -11.72 7.14
C GLN D 104 22.02 -10.88 8.28
N TRP D 105 22.90 -10.01 8.78
CA TRP D 105 22.58 -9.14 9.91
C TRP D 105 22.05 -9.93 11.08
N PHE D 106 22.87 -10.91 11.47
CA PHE D 106 22.60 -11.81 12.58
C PHE D 106 21.28 -12.55 12.45
N GLY D 107 20.71 -12.54 11.25
CA GLY D 107 19.45 -13.23 11.05
C GLY D 107 19.21 -13.85 9.69
N VAL D 108 17.94 -14.11 9.45
CA VAL D 108 17.46 -14.72 8.21
C VAL D 108 17.30 -13.65 7.13
N PRO D 109 17.37 -14.05 5.87
CA PRO D 109 17.20 -13.04 4.80
C PRO D 109 15.81 -12.43 4.71
N ALA D 110 15.77 -11.13 4.38
CA ALA D 110 14.51 -10.40 4.28
C ALA D 110 13.46 -11.23 3.59
N ILE D 111 13.76 -11.69 2.39
CA ILE D 111 12.82 -12.49 1.63
C ILE D 111 12.38 -13.73 2.40
N LEU D 112 13.28 -14.33 3.17
CA LEU D 112 12.91 -15.54 3.91
C LEU D 112 11.98 -15.16 5.05
N LYS D 113 12.38 -14.16 5.83
CA LYS D 113 11.56 -13.70 6.96
C LYS D 113 10.12 -13.53 6.46
N GLY D 114 9.98 -12.84 5.33
CA GLY D 114 8.67 -12.61 4.71
C GLY D 114 7.88 -13.88 4.50
N TRP D 115 8.57 -14.92 4.07
CA TRP D 115 7.95 -16.22 3.86
C TRP D 115 7.36 -16.69 5.20
N PHE D 116 8.10 -16.49 6.28
CA PHE D 116 7.63 -16.89 7.61
C PHE D 116 6.37 -16.09 7.92
N GLU D 117 6.53 -14.77 7.90
CA GLU D 117 5.46 -13.84 8.20
C GLU D 117 4.20 -14.02 7.38
N ARG D 118 4.35 -14.52 6.14
CA ARG D 118 3.19 -14.72 5.27
C ARG D 118 2.64 -16.14 5.20
N VAL D 119 3.55 -17.12 5.16
CA VAL D 119 3.18 -18.53 5.07
C VAL D 119 2.67 -19.12 6.39
N LEU D 120 3.43 -18.92 7.46
CA LEU D 120 3.06 -19.44 8.77
C LEU D 120 1.88 -18.70 9.39
N VAL D 121 0.69 -19.01 8.87
CA VAL D 121 -0.56 -18.40 9.31
C VAL D 121 -1.10 -19.03 10.60
N ALA D 122 -1.72 -18.20 11.43
CA ALA D 122 -2.30 -18.67 12.69
C ALA D 122 -3.46 -19.56 12.33
N GLY D 123 -3.56 -20.72 12.96
CA GLY D 123 -4.64 -21.63 12.65
C GLY D 123 -4.13 -22.79 11.81
N PHE D 124 -3.09 -22.51 11.03
CA PHE D 124 -2.45 -23.51 10.19
C PHE D 124 -1.11 -23.86 10.85
N ALA D 125 -0.27 -22.83 11.00
CA ALA D 125 1.06 -22.97 11.57
C ALA D 125 1.10 -23.05 13.08
N TYR D 126 0.18 -22.38 13.75
CA TYR D 126 0.17 -22.38 15.22
C TYR D 126 -1.15 -21.87 15.78
N THR D 127 -1.30 -22.03 17.09
CA THR D 127 -2.49 -21.59 17.83
C THR D 127 -2.10 -21.48 19.31
N TYR D 128 -2.63 -20.46 20.00
CA TYR D 128 -2.29 -20.29 21.41
C TYR D 128 -2.56 -21.57 22.15
N ALA D 129 -3.47 -22.39 21.63
CA ALA D 129 -3.76 -23.66 22.27
C ALA D 129 -2.70 -24.68 21.82
N ALA D 130 -2.31 -24.61 20.54
CA ALA D 130 -1.31 -25.51 19.99
C ALA D 130 0.03 -24.79 19.78
N MET D 131 0.82 -24.71 20.84
CA MET D 131 2.14 -24.07 20.79
C MET D 131 3.26 -25.06 21.11
N TYR D 132 4.46 -24.72 20.69
CA TYR D 132 5.61 -25.56 20.93
C TYR D 132 5.36 -27.05 20.77
N ASP D 133 5.70 -27.89 21.73
CA ASP D 133 5.49 -29.31 21.53
C ASP D 133 4.05 -29.76 21.29
N ASN D 134 3.14 -28.80 21.15
CA ASN D 134 1.73 -29.08 20.85
C ASN D 134 1.47 -28.56 19.43
N GLY D 135 2.47 -27.86 18.89
CA GLY D 135 2.35 -27.30 17.56
C GLY D 135 1.87 -28.27 16.51
N PRO D 136 1.23 -27.75 15.46
CA PRO D 136 0.71 -28.58 14.37
C PRO D 136 1.79 -29.38 13.64
N PHE D 137 3.01 -28.84 13.58
CA PHE D 137 4.11 -29.46 12.87
C PHE D 137 4.99 -30.42 13.66
N GLN D 138 4.56 -30.78 14.86
CA GLN D 138 5.31 -31.69 15.72
C GLN D 138 5.77 -33.01 15.06
N ASN D 139 5.16 -33.36 13.93
CA ASN D 139 5.54 -34.59 13.23
C ASN D 139 6.58 -34.33 12.15
N LYS D 140 6.82 -33.05 11.86
CA LYS D 140 7.80 -32.68 10.86
C LYS D 140 9.10 -32.29 11.54
N LYS D 141 10.21 -32.41 10.82
CA LYS D 141 11.54 -32.09 11.34
C LYS D 141 12.14 -30.98 10.48
N THR D 142 12.89 -30.09 11.12
CA THR D 142 13.50 -28.99 10.38
C THR D 142 14.88 -28.67 10.90
N LEU D 143 15.69 -28.08 10.03
CA LEU D 143 17.03 -27.70 10.40
C LEU D 143 17.45 -26.49 9.56
N LEU D 144 18.49 -25.80 10.01
CA LEU D 144 18.97 -24.61 9.34
C LEU D 144 20.38 -24.81 8.79
N SER D 145 20.57 -24.53 7.51
CA SER D 145 21.88 -24.64 6.86
C SER D 145 22.29 -23.22 6.57
N ILE D 146 23.23 -22.72 7.36
CA ILE D 146 23.67 -21.33 7.24
C ILE D 146 25.08 -21.14 6.69
N THR D 147 25.26 -20.00 6.04
CA THR D 147 26.53 -19.63 5.48
C THR D 147 26.91 -18.30 6.11
N THR D 148 28.05 -18.26 6.79
CA THR D 148 28.48 -17.02 7.43
C THR D 148 29.67 -16.38 6.73
N GLY D 149 29.70 -15.06 6.74
CA GLY D 149 30.82 -14.35 6.13
C GLY D 149 31.98 -14.32 7.11
N GLY D 150 31.67 -14.06 8.38
CA GLY D 150 32.69 -14.00 9.41
C GLY D 150 33.26 -15.36 9.74
N SER D 151 34.24 -15.41 10.64
CA SER D 151 34.85 -16.67 11.01
C SER D 151 34.27 -17.28 12.29
N GLY D 152 34.39 -18.61 12.41
CA GLY D 152 33.88 -19.34 13.55
C GLY D 152 34.21 -18.74 14.91
N SER D 153 35.46 -18.32 15.07
CA SER D 153 35.91 -17.73 16.33
C SER D 153 35.10 -16.48 16.66
N MET D 154 34.78 -15.69 15.65
CA MET D 154 34.01 -14.47 15.88
C MET D 154 32.71 -14.73 16.63
N TYR D 155 32.19 -15.95 16.52
CA TYR D 155 30.93 -16.31 17.18
C TYR D 155 31.10 -17.11 18.47
N SER D 156 32.34 -17.45 18.80
CA SER D 156 32.62 -18.20 20.03
C SER D 156 32.24 -17.34 21.26
N LEU D 157 32.23 -17.94 22.44
CA LEU D 157 31.87 -17.17 23.64
C LEU D 157 32.77 -15.96 23.85
N GLN D 158 34.04 -16.07 23.47
CA GLN D 158 34.97 -14.95 23.60
C GLN D 158 35.16 -14.24 22.26
N GLY D 159 34.19 -14.36 21.36
CA GLY D 159 34.29 -13.70 20.08
C GLY D 159 33.65 -12.32 20.09
N VAL D 160 33.97 -11.53 19.09
CA VAL D 160 33.41 -10.20 19.00
C VAL D 160 31.89 -10.22 19.03
N HIS D 161 31.30 -10.93 18.07
CA HIS D 161 29.84 -11.03 17.92
C HIS D 161 29.08 -11.74 19.05
N GLY D 162 29.73 -12.65 19.74
CA GLY D 162 29.04 -13.31 20.83
C GLY D 162 28.48 -14.68 20.50
N ASP D 163 28.10 -15.39 21.56
CA ASP D 163 27.56 -16.73 21.45
C ASP D 163 26.62 -16.92 20.27
N MET D 164 26.94 -17.89 19.42
CA MET D 164 26.12 -18.17 18.24
C MET D 164 24.76 -18.73 18.64
N ASN D 165 24.71 -19.46 19.75
CA ASN D 165 23.46 -20.00 20.24
C ASN D 165 22.39 -18.94 20.45
N VAL D 166 22.79 -17.79 20.99
CA VAL D 166 21.85 -16.71 21.22
C VAL D 166 21.18 -16.30 19.92
N ILE D 167 22.00 -16.14 18.90
CA ILE D 167 21.54 -15.75 17.58
C ILE D 167 20.51 -16.71 16.97
N LEU D 168 20.75 -18.01 17.07
CA LEU D 168 19.84 -19.01 16.53
C LEU D 168 18.53 -19.14 17.32
N TRP D 169 18.62 -18.99 18.64
CA TRP D 169 17.45 -19.09 19.51
C TRP D 169 16.13 -18.50 18.97
N PRO D 170 16.11 -17.20 18.61
CA PRO D 170 14.90 -16.57 18.09
C PRO D 170 14.33 -17.30 16.88
N ILE D 171 15.22 -17.86 16.07
CA ILE D 171 14.79 -18.57 14.86
C ILE D 171 14.34 -19.99 15.15
N GLN D 172 15.16 -20.72 15.91
CA GLN D 172 14.85 -22.10 16.20
C GLN D 172 13.75 -22.34 17.23
N SER D 173 13.79 -21.60 18.33
CA SER D 173 12.79 -21.77 19.36
C SER D 173 11.62 -20.87 19.05
N GLY D 174 11.94 -19.65 18.61
CA GLY D 174 10.92 -18.68 18.32
C GLY D 174 9.95 -18.94 17.18
N ILE D 175 10.45 -19.48 16.08
CA ILE D 175 9.61 -19.73 14.92
C ILE D 175 9.31 -21.21 14.72
N LEU D 176 10.38 -22.00 14.64
CA LEU D 176 10.26 -23.44 14.44
C LEU D 176 9.75 -24.23 15.62
N ARG D 177 10.31 -24.01 16.80
CA ARG D 177 9.83 -24.78 17.93
C ARG D 177 8.41 -24.38 18.22
N PHE D 178 8.18 -23.08 18.08
CA PHE D 178 6.86 -22.50 18.30
C PHE D 178 5.79 -23.26 17.55
N CYS D 179 5.98 -23.40 16.25
CA CYS D 179 5.02 -24.08 15.40
C CYS D 179 4.89 -25.56 15.62
N GLY D 180 5.85 -26.14 16.35
CA GLY D 180 5.79 -27.56 16.63
C GLY D 180 6.94 -28.40 16.13
N PHE D 181 7.69 -27.89 15.16
CA PHE D 181 8.83 -28.60 14.56
C PHE D 181 9.82 -29.19 15.54
N GLN D 182 10.52 -30.23 15.08
CA GLN D 182 11.57 -30.86 15.86
C GLN D 182 12.79 -30.21 15.20
N VAL D 183 13.51 -29.38 15.96
CA VAL D 183 14.66 -28.70 15.38
C VAL D 183 15.96 -29.53 15.51
N LEU D 184 16.50 -29.95 14.37
CA LEU D 184 17.72 -30.73 14.35
C LEU D 184 18.93 -29.80 14.40
N GLU D 185 20.11 -30.36 14.58
CA GLU D 185 21.32 -29.56 14.63
C GLU D 185 21.55 -28.73 13.37
N PRO D 186 21.85 -27.43 13.51
CA PRO D 186 22.08 -26.54 12.36
C PRO D 186 23.38 -26.81 11.62
N GLN D 187 23.32 -26.75 10.29
CA GLN D 187 24.50 -26.97 9.46
C GLN D 187 25.23 -25.63 9.33
N LEU D 188 26.24 -25.41 10.17
CA LEU D 188 26.98 -24.16 10.15
C LEU D 188 28.26 -24.14 9.33
N VAL D 189 28.32 -23.24 8.36
CA VAL D 189 29.48 -23.11 7.47
C VAL D 189 30.05 -21.71 7.65
N TYR D 190 31.16 -21.59 8.36
CA TYR D 190 31.76 -20.29 8.58
C TYR D 190 32.69 -19.84 7.46
N SER D 191 32.59 -18.56 7.11
CA SER D 191 33.43 -17.93 6.10
C SER D 191 33.88 -18.85 4.96
N ILE D 192 33.06 -18.92 3.90
CA ILE D 192 33.41 -19.75 2.77
C ILE D 192 34.23 -18.91 1.82
N GLY D 193 34.26 -17.62 2.10
CA GLY D 193 35.03 -16.71 1.26
C GLY D 193 36.50 -16.88 1.57
N HIS D 194 36.78 -17.60 2.65
CA HIS D 194 38.14 -17.82 3.07
C HIS D 194 38.53 -19.29 2.93
N THR D 195 37.56 -20.19 3.08
CA THR D 195 37.85 -21.62 2.95
C THR D 195 38.33 -21.85 1.51
N PRO D 196 39.35 -22.71 1.32
CA PRO D 196 39.90 -23.02 0.01
C PRO D 196 39.00 -23.98 -0.74
N PRO D 197 39.28 -24.19 -2.04
CA PRO D 197 38.52 -25.08 -2.94
C PRO D 197 38.31 -26.50 -2.40
N ASP D 198 39.34 -27.06 -1.79
CA ASP D 198 39.23 -28.40 -1.23
C ASP D 198 38.11 -28.44 -0.22
N ALA D 199 38.36 -27.85 0.94
CA ALA D 199 37.41 -27.78 2.03
C ALA D 199 35.96 -27.63 1.56
N ARG D 200 35.73 -26.71 0.63
CA ARG D 200 34.38 -26.48 0.11
C ARG D 200 33.76 -27.79 -0.39
N MET D 201 34.56 -28.57 -1.12
CA MET D 201 34.09 -29.85 -1.63
C MET D 201 33.79 -30.77 -0.43
N GLN D 202 34.79 -31.00 0.41
CA GLN D 202 34.59 -31.85 1.59
C GLN D 202 33.39 -31.41 2.40
N ILE D 203 33.11 -30.11 2.39
CA ILE D 203 31.97 -29.58 3.13
C ILE D 203 30.69 -30.05 2.45
N LEU D 204 30.68 -30.03 1.11
CA LEU D 204 29.52 -30.47 0.37
C LEU D 204 29.36 -31.97 0.52
N GLU D 205 30.49 -32.66 0.66
CA GLU D 205 30.45 -34.11 0.82
C GLU D 205 29.90 -34.42 2.18
N GLY D 206 30.37 -33.67 3.18
CA GLY D 206 29.91 -33.90 4.54
C GLY D 206 28.42 -33.71 4.61
N TRP D 207 27.95 -32.64 3.95
CA TRP D 207 26.55 -32.28 3.88
C TRP D 207 25.79 -33.48 3.33
N LYS D 208 26.15 -33.90 2.12
CA LYS D 208 25.52 -35.04 1.48
C LYS D 208 25.43 -36.23 2.39
N LYS D 209 26.57 -36.62 2.98
CA LYS D 209 26.61 -37.76 3.88
C LYS D 209 25.73 -37.59 5.14
N ARG D 210 25.66 -36.38 5.69
CA ARG D 210 24.84 -36.14 6.87
C ARG D 210 23.37 -36.36 6.58
N LEU D 211 22.99 -36.15 5.32
CA LEU D 211 21.59 -36.29 4.91
C LEU D 211 21.15 -37.75 4.77
N GLU D 212 22.11 -38.65 4.66
CA GLU D 212 21.78 -40.05 4.55
C GLU D 212 21.11 -40.57 5.81
N THR D 213 21.23 -39.80 6.90
CA THR D 213 20.66 -40.20 8.19
C THR D 213 20.06 -39.03 8.97
N VAL D 214 19.55 -38.03 8.27
CA VAL D 214 18.98 -36.89 8.96
C VAL D 214 17.81 -37.31 9.82
N TRP D 215 16.91 -38.08 9.23
CA TRP D 215 15.70 -38.52 9.91
C TRP D 215 15.92 -39.32 11.18
N GLU D 216 17.14 -39.76 11.42
CA GLU D 216 17.42 -40.55 12.62
C GLU D 216 18.21 -39.82 13.71
N GLU D 217 18.51 -38.54 13.49
CA GLU D 217 19.25 -37.76 14.49
C GLU D 217 18.29 -37.31 15.59
N THR D 218 18.86 -36.97 16.75
CA THR D 218 18.05 -36.50 17.85
C THR D 218 17.92 -34.98 17.71
N PRO D 219 16.77 -34.41 18.08
CA PRO D 219 16.54 -32.97 17.96
C PRO D 219 17.19 -32.16 19.07
N LEU D 220 17.20 -30.85 18.90
CA LEU D 220 17.78 -29.99 19.92
C LEU D 220 16.84 -30.01 21.11
N TYR D 221 17.37 -29.65 22.29
CA TYR D 221 16.57 -29.65 23.50
C TYR D 221 15.97 -28.30 23.80
N PHE D 222 14.65 -28.25 23.85
CA PHE D 222 13.92 -27.03 24.16
C PHE D 222 13.12 -27.37 25.41
N ALA D 223 12.94 -26.39 26.30
CA ALA D 223 12.19 -26.66 27.54
C ALA D 223 10.77 -27.07 27.18
N PRO D 224 10.32 -28.22 27.68
CA PRO D 224 8.98 -28.76 27.44
C PRO D 224 7.87 -27.89 28.00
N SER D 225 6.77 -27.79 27.26
CA SER D 225 5.62 -26.99 27.65
C SER D 225 5.09 -27.42 28.99
N SER D 226 5.24 -28.70 29.31
CA SER D 226 4.74 -29.23 30.57
C SER D 226 5.17 -28.37 31.75
N LEU D 227 6.34 -27.75 31.64
CA LEU D 227 6.86 -26.90 32.70
C LEU D 227 6.06 -25.60 32.89
N PHE D 228 5.05 -25.39 32.06
CA PHE D 228 4.28 -24.16 32.14
C PHE D 228 2.76 -24.24 32.28
N ASP D 229 2.21 -23.24 32.95
CA ASP D 229 0.78 -23.12 33.13
C ASP D 229 0.30 -22.33 31.89
N LEU D 230 0.15 -23.03 30.77
CA LEU D 230 -0.28 -22.41 29.54
C LEU D 230 -1.71 -21.92 29.54
N ASN D 231 -1.94 -20.79 30.18
CA ASN D 231 -3.26 -20.18 30.22
C ASN D 231 -3.13 -18.70 30.52
N PHE D 232 -4.03 -17.90 29.94
CA PHE D 232 -3.99 -16.47 30.15
C PHE D 232 -4.19 -16.10 31.60
N GLN D 233 -4.51 -17.11 32.41
CA GLN D 233 -4.72 -16.94 33.84
C GLN D 233 -3.36 -16.76 34.53
N ALA D 234 -2.57 -17.82 34.48
CA ALA D 234 -1.25 -17.85 35.08
C ALA D 234 -0.26 -16.95 34.35
N GLY D 235 -0.54 -16.66 33.09
CA GLY D 235 0.34 -15.82 32.29
C GLY D 235 1.40 -16.62 31.56
N PHE D 236 1.15 -17.92 31.41
CA PHE D 236 2.08 -18.80 30.72
C PHE D 236 3.44 -18.78 31.43
N LEU D 237 3.43 -19.02 32.74
CA LEU D 237 4.66 -19.03 33.51
C LEU D 237 5.11 -20.43 33.88
N LEU D 238 6.41 -20.56 34.17
CA LEU D 238 7.01 -21.82 34.58
C LEU D 238 6.31 -22.15 35.90
N MET D 239 5.67 -23.33 35.94
CA MET D 239 4.94 -23.76 37.13
C MET D 239 5.73 -23.60 38.43
N LYS D 240 5.06 -23.11 39.47
CA LYS D 240 5.68 -22.89 40.77
C LYS D 240 6.49 -24.08 41.23
N GLU D 241 5.94 -25.28 41.08
CA GLU D 241 6.63 -26.50 41.48
C GLU D 241 7.93 -26.58 40.68
N VAL D 242 7.80 -26.52 39.35
CA VAL D 242 8.96 -26.60 38.49
C VAL D 242 10.01 -25.54 38.84
N GLN D 243 9.54 -24.37 39.26
CA GLN D 243 10.46 -23.30 39.65
C GLN D 243 11.17 -23.81 40.91
N GLU D 244 10.34 -24.32 41.83
CA GLU D 244 10.79 -24.88 43.10
C GLU D 244 11.98 -25.81 42.84
N GLU D 245 11.71 -26.92 42.18
CA GLU D 245 12.74 -27.89 41.85
C GLU D 245 13.93 -27.25 41.14
N GLN D 246 13.66 -26.57 40.03
CA GLN D 246 14.71 -25.93 39.25
C GLN D 246 15.69 -25.10 40.07
N LYS D 247 15.26 -24.74 41.27
CA LYS D 247 16.09 -23.95 42.17
C LYS D 247 17.37 -24.72 42.54
N LYS D 248 17.28 -26.05 42.56
CA LYS D 248 18.40 -26.92 42.90
C LYS D 248 19.32 -27.16 41.71
N ASN D 249 18.96 -26.65 40.55
CA ASN D 249 19.74 -26.84 39.34
C ASN D 249 20.71 -25.68 39.17
N LYS D 250 21.96 -25.98 38.83
CA LYS D 250 22.99 -24.96 38.63
C LYS D 250 22.87 -24.31 37.28
N PHE D 251 22.47 -25.10 36.29
CA PHE D 251 22.33 -24.59 34.93
C PHE D 251 20.86 -24.24 34.59
N GLY D 252 20.71 -23.38 33.59
CA GLY D 252 19.38 -23.02 33.12
C GLY D 252 18.97 -24.16 32.19
N LEU D 253 17.83 -24.02 31.53
CA LEU D 253 17.36 -25.07 30.64
C LEU D 253 17.83 -24.88 29.20
N SER D 254 17.45 -23.74 28.64
CA SER D 254 17.85 -23.42 27.28
C SER D 254 18.27 -21.95 27.27
N VAL D 255 18.76 -21.50 26.12
CA VAL D 255 19.21 -20.12 25.96
C VAL D 255 18.19 -19.09 26.43
N GLY D 256 16.94 -19.23 25.98
CA GLY D 256 15.89 -18.30 26.38
C GLY D 256 15.44 -18.49 27.81
N HIS D 257 15.58 -19.72 28.30
CA HIS D 257 15.19 -20.08 29.65
C HIS D 257 16.44 -20.32 30.46
N HIS D 258 17.32 -19.32 30.53
CA HIS D 258 18.55 -19.44 31.28
C HIS D 258 18.23 -19.28 32.75
N LEU D 259 17.00 -18.85 33.01
CA LEU D 259 16.52 -18.65 34.37
C LEU D 259 17.54 -17.95 35.27
N GLY D 260 18.34 -17.07 34.67
CA GLY D 260 19.32 -16.33 35.45
C GLY D 260 20.58 -17.11 35.75
N LYS D 261 20.56 -18.41 35.47
CA LYS D 261 21.72 -19.25 35.72
C LYS D 261 22.61 -19.29 34.47
N SER D 262 23.66 -20.11 34.52
CA SER D 262 24.56 -20.24 33.40
C SER D 262 23.87 -21.04 32.30
N ILE D 263 24.00 -20.58 31.05
CA ILE D 263 23.38 -21.27 29.94
C ILE D 263 24.13 -22.55 29.60
N PRO D 264 23.40 -23.67 29.52
CA PRO D 264 23.95 -24.99 29.22
C PRO D 264 25.24 -25.01 28.41
N ALA D 265 25.13 -25.11 27.10
CA ALA D 265 26.29 -25.15 26.24
C ALA D 265 25.79 -24.89 24.86
N ASP D 266 26.13 -25.78 23.94
CA ASP D 266 25.65 -25.63 22.58
C ASP D 266 24.23 -26.17 22.50
N ASN D 267 23.40 -25.68 23.42
CA ASN D 267 22.00 -26.07 23.51
C ASN D 267 21.33 -25.83 22.16
N GLN D 268 21.81 -24.80 21.45
CA GLN D 268 21.26 -24.45 20.14
C GLN D 268 22.13 -24.92 18.97
N ILE D 269 23.32 -25.41 19.28
CA ILE D 269 24.23 -25.87 18.23
C ILE D 269 24.38 -27.38 18.18
N LYS D 270 24.40 -28.04 19.34
CA LYS D 270 24.54 -29.49 19.33
C LYS D 270 23.42 -30.18 20.09
N ALA D 271 22.88 -31.23 19.48
CA ALA D 271 21.80 -32.00 20.04
C ALA D 271 22.30 -33.12 20.91
N ARG D 272 22.12 -32.97 22.21
CA ARG D 272 22.53 -33.95 23.22
C ARG D 272 22.27 -33.27 24.56
N LYS D 273 22.73 -33.87 25.64
CA LYS D 273 22.58 -33.29 26.98
C LYS D 273 23.49 -34.00 27.97
PA FAD E . -29.33 17.17 2.25
O1A FAD E . -28.20 18.13 2.31
O2A FAD E . -29.58 16.44 3.38
O5B FAD E . -30.45 18.16 2.11
C5B FAD E . -31.84 17.76 1.98
C4B FAD E . -32.72 18.95 2.44
O4B FAD E . -34.14 18.47 2.30
C3B FAD E . -32.56 19.37 3.93
O3B FAD E . -32.87 20.71 4.14
C2B FAD E . -33.48 18.32 4.62
O2B FAD E . -33.89 18.69 5.92
C1B FAD E . -34.66 18.19 3.67
N9A FAD E . -35.25 16.83 3.56
C8A FAD E . -34.62 15.62 3.80
N7A FAD E . -35.42 14.57 3.62
C5A FAD E . -36.64 15.11 3.25
C6A FAD E . -37.96 14.47 2.90
N6A FAD E . -38.18 13.18 2.91
N1A FAD E . -38.99 15.38 2.57
C2A FAD E . -38.80 16.75 2.56
N3A FAD E . -37.63 17.41 2.85
C4A FAD E . -36.57 16.54 3.20
N1 FAD E . -22.74 20.62 -5.30
C2 FAD E . -22.68 21.12 -6.54
O2 FAD E . -23.56 21.78 -7.00
N3 FAD E . -21.56 20.89 -7.41
C4 FAD E . -20.46 20.14 -6.98
O4 FAD E . -19.52 19.95 -7.75
C4X FAD E . -20.48 19.63 -5.62
N5 FAD E . -19.43 18.90 -5.15
C5X FAD E . -19.50 18.39 -3.87
C6 FAD E . -18.36 17.63 -3.40
C7 FAD E . -18.34 17.07 -2.12
C7M FAD E . -17.12 16.28 -1.67
C8 FAD E . -19.50 17.26 -1.22
C8M FAD E . -19.55 16.69 0.18
C9 FAD E . -20.63 18.01 -1.68
C9A FAD E . -20.65 18.57 -2.99
N10 FAD E . -21.76 19.36 -3.54
C10 FAD E . -21.70 19.88 -4.80
C1' FAD E . -22.98 19.58 -2.70
C2' FAD E . -23.97 18.40 -2.83
O2' FAD E . -24.34 18.31 -4.20
C3' FAD E . -25.21 18.63 -1.93
O3' FAD E . -24.78 18.72 -0.57
C4' FAD E . -26.19 17.43 -2.04
O4' FAD E . -26.64 17.26 -3.39
C5' FAD E . -27.37 17.65 -1.14
O5' FAD E . -28.31 16.40 -1.27
P FAD E . -28.69 15.55 -0.03
O1P FAD E . -29.57 14.40 -0.51
O2P FAD E . -27.58 15.21 0.72
O3P FAD E . -29.49 16.34 0.86
PA FAD F . -3.40 -2.91 16.32
O1A FAD F . -3.60 -4.38 16.25
O2A FAD F . -4.06 -2.14 15.41
O5B FAD F . -4.02 -2.64 17.64
C5B FAD F . -4.08 -1.31 18.25
C4B FAD F . -5.21 -1.31 19.29
O4B FAD F . -5.22 0.08 19.84
C3B FAD F . -6.64 -1.52 18.75
O3B FAD F . -7.51 -2.06 19.69
C2B FAD F . -6.97 -0.09 18.23
O2B FAD F . -8.35 0.14 18.03
C1B FAD F . -6.37 0.81 19.28
N9A FAD F . -5.79 2.09 18.79
C8A FAD F . -5.25 2.35 17.55
N7A FAD F . -4.82 3.60 17.41
C5A FAD F . -5.06 4.20 18.63
C6A FAD F . -4.80 5.59 19.14
N6A FAD F . -4.26 6.54 18.43
N1A FAD F . -5.20 5.83 20.45
C2A FAD F . -5.78 4.85 21.24
N3A FAD F . -6.06 3.55 20.86
C4A FAD F . -5.67 3.27 19.54
N1 FAD F . 3.05 -10.98 18.73
C2 FAD F . 3.88 -11.46 19.67
O2 FAD F . 3.75 -11.21 20.83
N3 FAD F . 5.02 -12.28 19.33
C4 FAD F . 5.29 -12.65 18.01
O4 FAD F . 6.26 -13.34 17.77
C4X FAD F . 4.35 -12.17 16.99
N5 FAD F . 4.55 -12.52 15.66
C5X FAD F . 3.68 -12.02 14.72
C6 FAD F . 3.91 -12.41 13.36
C7 FAD F . 3.09 -11.95 12.34
C7M FAD F . 3.36 -12.38 10.91
C8 FAD F . 1.94 -11.07 12.64
C8M FAD F . 1.01 -10.54 11.59
C9 FAD F . 1.71 -10.68 13.99
C9A FAD F . 2.55 -11.14 15.03
N10 FAD F . 2.38 -10.80 16.47
C10 FAD F . 3.22 -11.29 17.41
C1' FAD F . 1.24 -9.91 16.87
C2' FAD F . 1.67 -8.40 16.73
O2' FAD F . 2.78 -8.17 17.56
C3' FAD F . 0.49 -7.47 17.12
O3' FAD F . -0.62 -7.74 16.26
C4' FAD F . 0.91 -5.99 16.95
O4' FAD F . 2.03 -5.69 17.78
C5' FAD F . -0.25 -5.09 17.31
O5' FAD F . 0.20 -3.61 17.09
P FAD F . -0.54 -2.68 16.12
O1P FAD F . 0.17 -1.34 16.12
O2P FAD F . -0.73 -3.27 14.88
O3P FAD F . -1.87 -2.44 16.59
PA FAD G . 0.27 -1.67 -17.29
O1A FAD G . -0.97 -2.32 -17.78
O2A FAD G . 0.99 -2.33 -16.36
O5B FAD G . 1.07 -1.71 -18.54
C5B FAD G . 2.41 -1.14 -18.64
C4B FAD G . 3.11 -1.80 -19.86
O4B FAD G . 4.47 -1.20 -19.86
C3B FAD G . 3.34 -3.34 -19.73
O3B FAD G . 3.42 -3.98 -20.98
C2B FAD G . 4.63 -3.38 -18.86
O2B FAD G . 5.34 -4.61 -18.93
C1B FAD G . 5.43 -2.21 -19.38
N9A FAD G . 6.23 -1.46 -18.39
C8A FAD G . 5.95 -1.32 -17.04
N7A FAD G . 6.86 -0.59 -16.38
C5A FAD G . 7.79 -0.24 -17.34
C6A FAD G . 9.06 0.57 -17.28
N6A FAD G . 9.53 1.12 -16.19
N1A FAD G . 9.74 0.71 -18.48
C2A FAD G . 9.27 0.16 -19.67
N3A FAD G . 8.12 -0.60 -19.83
C4A FAD G . 7.41 -0.77 -18.64
N1 FAD G . -8.86 2.50 -20.78
C2 FAD G . -9.38 3.41 -21.60
O2 FAD G . -8.84 3.75 -22.60
N3 FAD G . -10.63 4.05 -21.31
C4 FAD G . -11.39 3.72 -20.18
O4 FAD G . -12.45 4.29 -19.96
C4X FAD G . -10.85 2.69 -19.29
N5 FAD G . -11.54 2.34 -18.18
C5X FAD G . -10.99 1.40 -17.35
C6 FAD G . -11.74 1.03 -16.18
C7 FAD G . -11.26 0.09 -15.27
C7M FAD G . -12.10 -0.26 -14.05
C8 FAD G . -9.95 -0.55 -15.50
C8M FAD G . -9.36 -1.58 -14.58
C9 FAD G . -9.19 -0.21 -16.66
C9A FAD G . -9.70 0.76 -17.59
N10 FAD G . -8.98 1.18 -18.81
C10 FAD G . -9.52 2.11 -19.64
C1' FAD G . -7.65 0.57 -19.11
C2' FAD G . -6.51 1.36 -18.37
O2' FAD G . -6.55 2.71 -18.84
C3' FAD G . -5.14 0.72 -18.66
O3' FAD G . -5.16 -0.63 -18.19
C4' FAD G . -4.02 1.47 -17.92
O4' FAD G . -3.96 2.83 -18.34
C5' FAD G . -2.68 0.79 -18.20
O5' FAD G . -1.59 1.58 -17.41
P FAD G . -0.71 0.87 -16.36
O1P FAD G . 0.22 1.94 -15.76
O2P FAD G . -1.44 0.11 -15.48
O3P FAD G . 0.15 -0.08 -17.02
PA FAD H . 29.43 -16.83 -2.28
O1A FAD H . 29.83 -15.51 -1.74
O2A FAD H . 29.15 -16.90 -3.60
O5B FAD H . 30.72 -17.56 -2.08
C5B FAD H . 30.89 -18.98 -2.41
C4B FAD H . 32.41 -19.24 -2.61
O4B FAD H . 32.52 -20.70 -2.99
C3B FAD H . 33.06 -18.48 -3.80
O3B FAD H . 34.43 -18.27 -3.59
C2B FAD H . 32.66 -19.39 -5.01
O2B FAD H . 33.43 -19.19 -6.16
C1B FAD H . 32.78 -20.79 -4.45
N9A FAD H . 31.77 -21.77 -4.94
C8A FAD H . 30.50 -21.50 -5.41
N7A FAD H . 29.84 -22.60 -5.79
C5A FAD H . 30.71 -23.64 -5.56
C6A FAD H . 30.58 -25.13 -5.79
N6A FAD H . 29.52 -25.72 -6.27
N1A FAD H . 31.71 -25.89 -5.42
C2A FAD H . 32.85 -25.29 -4.90
N3A FAD H . 33.06 -23.95 -4.68
C4A FAD H . 31.94 -23.15 -5.02
N1 FAD H . 28.19 -12.47 7.31
C2 FAD H . 28.34 -12.69 8.62
O2 FAD H . 29.17 -13.43 9.05
N3 FAD H . 27.48 -12.06 9.60
C4 FAD H . 26.48 -11.16 9.22
O4 FAD H . 25.77 -10.66 10.08
C4X FAD H . 26.34 -10.88 7.79
N5 FAD H . 25.37 -10.00 7.37
C5X FAD H . 25.24 -9.79 6.00
C6 FAD H . 24.23 -8.85 5.58
C7 FAD H . 24.03 -8.58 4.22
C7M FAD H . 22.95 -7.59 3.81
C8 FAD H . 24.86 -9.24 3.20
C8M FAD H . 24.70 -8.99 1.71
C9 FAD H . 25.87 -10.17 3.60
C9A FAD H . 26.07 -10.46 4.99
N10 FAD H . 27.10 -11.40 5.50
C10 FAD H . 27.24 -11.61 6.84
C1' FAD H . 27.96 -12.12 4.52
C2' FAD H . 27.25 -13.42 4.02
O2' FAD H . 26.99 -14.25 5.16
C3' FAD H . 28.15 -14.16 2.98
O3' FAD H . 28.39 -13.28 1.87
C4' FAD H . 27.45 -15.43 2.46
O4' FAD H . 27.19 -16.34 3.54
C5' FAD H . 28.32 -16.11 1.44
O5' FAD H . 27.54 -17.38 0.91
P FAD H . 27.19 -17.54 -0.59
O1P FAD H . 26.42 -18.84 -0.73
O2P FAD H . 26.63 -16.39 -1.13
O3P FAD H . 28.42 -17.70 -1.34
#